data_6LDW
#
_entry.id   6LDW
#
_cell.length_a   39.310
_cell.length_b   75.680
_cell.length_c   76.320
_cell.angle_alpha   73.980
_cell.angle_beta   87.160
_cell.angle_gamma   84.780
#
_symmetry.space_group_name_H-M   'P 1'
#
loop_
_entity.id
_entity.type
_entity.pdbx_description
1 polymer 'Fab light chain'
2 polymer 'Fab heavy chain'
3 polymer ILE-PHE-GLU-LYS-PHE-GLY-M3L-GLY-GLY
4 non-polymer 'CHLORIDE ION'
5 non-polymer 'SODIUM ION'
6 water water
#
loop_
_entity_poly.entity_id
_entity_poly.type
_entity_poly.pdbx_seq_one_letter_code
_entity_poly.pdbx_strand_id
1 'polypeptide(L)'
;AQVLTQTPSSVSAAVGGTVTINCQASQSVYNNNWLGWYQQKPGQPPKLLIYKASTLASGVPSRFRGSGSGTQFTLTISDV
QCDDAATYYCAGGYNGNIFPFGGGTEVVVTGDPVAPTVLIFPPAADQVATGTVTIVCVANKYFPDVTVTWEVDGTTQTTG
IENSKTPQNSADCTYNLSSTLTLTSTQYNSHKEYTCKVTLGTTSVVQSFNRGDCAAAEQKLISEEDLNSAVDHHHHHH
;
L,A
2 'polypeptide(L)'
;QSVEESGGRLVTPGTPLTLTCTVSGFSLTSYDMSWVRQAPGKGLEYIGFISSTTGGTYYASWAKGRFTISKTSTTVDLKI
TSPTTEDTATYFCAAGSWYNMWGPGTLVTVSSGQPKAPSVFPLAPCCGDTPSSTMTLGCLVKGYLPEPVTVTWNSGTLTN
GVRTFPSVRQSSGLYSLSSVVSVTSSSQPVTCNVAHPATNTKVDKTVAPSTCSKPAAAEQKLISEEDLNSAVDHHHHHH
;
H,B
3 'polypeptide(L)' NPIFEKFG(M3L)GGTYP D,C
#
# COMPACT_ATOMS: atom_id res chain seq x y z
N GLN A 2 23.64 40.33 -19.13
CA GLN A 2 24.23 39.04 -18.65
C GLN A 2 23.76 38.69 -17.22
N VAL A 3 23.33 39.69 -16.41
CA VAL A 3 22.70 39.49 -15.07
C VAL A 3 21.29 40.07 -15.12
N LEU A 4 20.30 39.36 -14.56
CA LEU A 4 18.99 39.94 -14.21
C LEU A 4 18.96 40.13 -12.71
N THR A 5 18.71 41.36 -12.28
CA THR A 5 18.65 41.69 -10.84
CA THR A 5 18.65 41.73 -10.85
C THR A 5 17.18 41.74 -10.46
N GLN A 6 16.79 40.78 -9.64
CA GLN A 6 15.39 40.62 -9.27
C GLN A 6 15.25 41.17 -7.85
N THR A 7 14.29 42.05 -7.63
CA THR A 7 14.02 42.70 -6.33
C THR A 7 12.52 42.76 -6.10
N PRO A 8 12.07 42.74 -4.83
CA PRO A 8 12.94 42.42 -3.70
C PRO A 8 13.24 40.91 -3.59
N SER A 9 14.03 40.50 -2.59
CA SER A 9 14.31 39.07 -2.27
C SER A 9 13.07 38.39 -1.67
N SER A 10 12.27 39.15 -0.93
CA SER A 10 11.04 38.68 -0.24
C SER A 10 10.04 39.81 -0.17
N VAL A 11 8.77 39.46 -0.24
CA VAL A 11 7.63 40.42 -0.26
C VAL A 11 6.46 39.74 0.44
N SER A 12 5.65 40.53 1.13
CA SER A 12 4.44 40.08 1.87
C SER A 12 3.22 40.87 1.42
N ALA A 13 2.10 40.19 1.35
CA ALA A 13 0.79 40.80 1.20
C ALA A 13 -0.15 39.96 2.07
N ALA A 14 -1.12 40.61 2.67
CA ALA A 14 -2.35 39.97 3.15
C ALA A 14 -3.07 39.33 1.97
N VAL A 15 -3.88 38.32 2.26
CA VAL A 15 -4.91 37.85 1.30
C VAL A 15 -5.69 39.07 0.78
N GLY A 16 -5.83 39.15 -0.55
CA GLY A 16 -6.55 40.21 -1.28
C GLY A 16 -5.67 41.43 -1.55
N GLY A 17 -4.46 41.45 -1.00
CA GLY A 17 -3.43 42.46 -1.27
C GLY A 17 -2.81 42.36 -2.67
N THR A 18 -1.81 43.21 -2.90
CA THR A 18 -1.12 43.36 -4.20
C THR A 18 0.39 43.29 -3.96
N VAL A 19 1.10 42.56 -4.80
CA VAL A 19 2.56 42.36 -4.73
C VAL A 19 3.13 42.92 -6.03
N THR A 20 4.30 43.56 -5.93
CA THR A 20 5.08 44.02 -7.11
C THR A 20 6.46 43.35 -7.03
N ILE A 21 6.91 42.76 -8.13
CA ILE A 21 8.28 42.15 -8.22
C ILE A 21 8.93 42.76 -9.46
N ASN A 22 10.15 43.21 -9.29
CA ASN A 22 10.89 43.90 -10.37
C ASN A 22 12.06 43.03 -10.81
N CYS A 23 12.38 43.18 -12.09
CA CYS A 23 13.50 42.49 -12.77
C CYS A 23 14.21 43.52 -13.64
N GLN A 24 15.48 43.81 -13.32
CA GLN A 24 16.26 44.86 -14.04
C GLN A 24 17.44 44.17 -14.72
N ALA A 25 17.51 44.33 -16.05
CA ALA A 25 18.61 43.86 -16.92
C ALA A 25 19.72 44.92 -16.96
N SER A 26 20.99 44.46 -16.97
CA SER A 26 22.22 45.28 -17.07
C SER A 26 22.27 46.00 -18.44
N GLN A 27 21.69 45.36 -19.46
CA GLN A 27 21.47 45.97 -20.80
C GLN A 27 20.13 45.48 -21.35
N SER A 28 19.72 45.99 -22.51
CA SER A 28 18.40 45.66 -23.11
C SER A 28 18.33 44.15 -23.40
N VAL A 29 17.24 43.51 -23.01
CA VAL A 29 16.98 42.09 -23.38
C VAL A 29 16.66 42.04 -24.88
N TYR A 30 16.71 40.83 -25.43
CA TYR A 30 16.54 40.59 -26.87
C TYR A 30 15.18 41.11 -27.32
N ASN A 31 15.18 41.90 -28.40
CA ASN A 31 13.94 42.47 -29.00
C ASN A 31 13.18 43.32 -27.98
N ASN A 32 13.88 43.79 -26.93
CA ASN A 32 13.36 44.62 -25.81
C ASN A 32 12.26 43.89 -25.02
N ASN A 33 11.94 42.63 -25.28
CA ASN A 33 10.80 41.99 -24.57
C ASN A 33 11.05 40.53 -24.18
N TRP A 34 12.27 40.01 -24.35
CA TRP A 34 12.58 38.58 -24.08
C TRP A 34 12.75 38.39 -22.57
N LEU A 35 11.64 38.32 -21.88
CA LEU A 35 11.60 38.21 -20.41
C LEU A 35 10.33 37.43 -20.03
N GLY A 36 10.50 36.40 -19.21
CA GLY A 36 9.43 35.54 -18.73
C GLY A 36 9.40 35.52 -17.22
N TRP A 37 8.24 35.17 -16.68
CA TRP A 37 8.00 35.06 -15.23
C TRP A 37 7.50 33.65 -14.92
N TYR A 38 7.98 33.07 -13.82
CA TYR A 38 7.73 31.67 -13.38
C TYR A 38 7.36 31.67 -11.89
N GLN A 39 6.52 30.73 -11.52
CA GLN A 39 6.13 30.47 -10.13
C GLN A 39 6.70 29.10 -9.76
N GLN A 40 7.28 28.97 -8.57
CA GLN A 40 7.73 27.63 -8.13
C GLN A 40 7.36 27.40 -6.66
N LYS A 41 6.65 26.33 -6.41
CA LYS A 41 6.40 25.89 -5.03
C LYS A 41 7.39 24.82 -4.62
N PRO A 42 7.73 24.72 -3.31
CA PRO A 42 8.74 23.75 -2.87
C PRO A 42 8.37 22.33 -3.31
N GLY A 43 9.32 21.63 -3.93
CA GLY A 43 9.18 20.21 -4.32
C GLY A 43 8.61 20.07 -5.72
N GLN A 44 8.18 21.18 -6.33
CA GLN A 44 7.49 21.12 -7.64
C GLN A 44 8.40 21.76 -8.67
N PRO A 45 8.20 21.45 -9.97
CA PRO A 45 8.90 22.21 -10.97
C PRO A 45 8.26 23.59 -11.09
N PRO A 46 8.99 24.52 -11.69
CA PRO A 46 8.44 25.83 -11.99
C PRO A 46 7.27 25.71 -12.99
N LYS A 47 6.44 26.74 -13.01
CA LYS A 47 5.34 26.94 -13.98
C LYS A 47 5.52 28.31 -14.64
N LEU A 48 5.43 28.35 -15.94
CA LEU A 48 5.43 29.61 -16.71
C LEU A 48 4.15 30.39 -16.39
N LEU A 49 4.31 31.64 -16.01
CA LEU A 49 3.18 32.59 -15.81
C LEU A 49 3.01 33.51 -17.01
N ILE A 50 4.11 34.19 -17.38
CA ILE A 50 4.08 35.31 -18.35
C ILE A 50 5.26 35.10 -19.32
N TYR A 51 5.05 35.27 -20.62
CA TYR A 51 6.16 35.27 -21.60
C TYR A 51 6.10 36.54 -22.43
N LYS A 52 7.20 36.88 -23.11
CA LYS A 52 7.27 38.10 -23.97
C LYS A 52 6.83 39.31 -23.11
N ALA A 53 7.25 39.33 -21.84
CA ALA A 53 7.10 40.45 -20.88
C ALA A 53 5.67 40.54 -20.36
N SER A 54 4.64 40.32 -21.19
CA SER A 54 3.25 40.69 -20.80
C SER A 54 2.20 39.68 -21.24
N THR A 55 2.57 38.66 -21.99
CA THR A 55 1.60 37.65 -22.42
C THR A 55 1.34 36.60 -21.33
N LEU A 56 0.08 36.46 -20.92
CA LEU A 56 -0.31 35.41 -19.94
C LEU A 56 -0.30 34.05 -20.63
N ALA A 57 0.36 33.11 -20.03
CA ALA A 57 0.34 31.68 -20.41
C ALA A 57 -1.08 31.13 -20.25
N SER A 58 -1.41 30.13 -21.06
CA SER A 58 -2.71 29.43 -20.98
C SER A 58 -2.91 28.89 -19.56
N GLY A 59 -4.08 29.14 -18.98
CA GLY A 59 -4.51 28.54 -17.70
C GLY A 59 -4.11 29.43 -16.53
N VAL A 60 -3.31 30.48 -16.76
CA VAL A 60 -2.79 31.32 -15.66
C VAL A 60 -3.86 32.33 -15.27
N PRO A 61 -4.14 32.52 -13.96
CA PRO A 61 -5.10 33.55 -13.54
C PRO A 61 -4.73 34.98 -13.97
N SER A 62 -5.75 35.78 -14.29
CA SER A 62 -5.64 37.18 -14.78
C SER A 62 -5.03 38.09 -13.71
N ARG A 63 -4.93 37.65 -12.44
CA ARG A 63 -4.40 38.50 -11.36
C ARG A 63 -2.88 38.61 -11.49
N PHE A 64 -2.26 37.76 -12.31
CA PHE A 64 -0.82 37.85 -12.67
C PHE A 64 -0.66 38.74 -13.89
N ARG A 65 0.05 39.85 -13.73
CA ARG A 65 0.28 40.81 -14.87
C ARG A 65 1.77 41.13 -15.04
N GLY A 66 2.22 41.03 -16.29
CA GLY A 66 3.58 41.40 -16.67
C GLY A 66 3.62 42.73 -17.40
N SER A 67 4.64 43.53 -17.14
CA SER A 67 4.82 44.84 -17.81
C SER A 67 6.31 45.13 -18.01
N GLY A 68 6.59 46.15 -18.81
CA GLY A 68 7.94 46.70 -19.03
C GLY A 68 8.49 46.35 -20.40
N SER A 69 9.67 46.88 -20.68
CA SER A 69 10.40 46.69 -21.96
C SER A 69 11.84 47.16 -21.77
N GLY A 70 12.73 46.69 -22.61
CA GLY A 70 14.14 47.14 -22.59
C GLY A 70 14.89 46.52 -21.43
N THR A 71 15.02 47.26 -20.33
CA THR A 71 15.83 46.80 -19.17
C THR A 71 15.00 46.62 -17.90
N GLN A 72 13.76 47.11 -17.87
CA GLN A 72 12.98 47.16 -16.61
C GLN A 72 11.66 46.43 -16.80
N PHE A 73 11.46 45.38 -16.01
CA PHE A 73 10.27 44.50 -16.09
C PHE A 73 9.65 44.35 -14.71
N THR A 74 8.34 44.13 -14.72
CA THR A 74 7.53 44.09 -13.49
C THR A 74 6.51 42.97 -13.61
N LEU A 75 6.39 42.18 -12.55
CA LEU A 75 5.28 41.23 -12.33
C LEU A 75 4.46 41.77 -11.18
N THR A 76 3.13 41.90 -11.35
CA THR A 76 2.26 42.22 -10.20
C THR A 76 1.30 41.07 -9.98
N ILE A 77 0.93 40.90 -8.72
CA ILE A 77 -0.11 39.92 -8.33
C ILE A 77 -1.15 40.72 -7.57
N SER A 78 -2.36 40.80 -8.11
CA SER A 78 -3.50 41.42 -7.41
C SER A 78 -4.33 40.34 -6.71
N ASP A 79 -5.16 40.75 -5.76
CA ASP A 79 -6.08 39.84 -5.03
C ASP A 79 -5.31 38.60 -4.58
N VAL A 80 -4.18 38.80 -3.92
CA VAL A 80 -3.24 37.72 -3.55
C VAL A 80 -4.02 36.65 -2.77
N GLN A 81 -3.74 35.40 -3.08
CA GLN A 81 -4.36 34.22 -2.42
CA GLN A 81 -4.37 34.22 -2.43
C GLN A 81 -3.28 33.39 -1.73
N CYS A 82 -3.68 32.61 -0.74
CA CYS A 82 -2.76 31.68 -0.04
C CYS A 82 -2.02 30.83 -1.09
N ASP A 83 -2.68 30.49 -2.18
CA ASP A 83 -2.15 29.62 -3.28
C ASP A 83 -0.96 30.32 -3.96
N ASP A 84 -0.85 31.65 -3.83
CA ASP A 84 0.22 32.43 -4.48
C ASP A 84 1.53 32.41 -3.68
N ALA A 85 1.51 31.87 -2.47
CA ALA A 85 2.76 31.70 -1.67
C ALA A 85 3.71 30.76 -2.41
N ALA A 86 4.86 31.26 -2.81
CA ALA A 86 5.77 30.59 -3.78
C ALA A 86 7.01 31.46 -3.93
N THR A 87 7.97 30.95 -4.66
CA THR A 87 9.08 31.72 -5.20
C THR A 87 8.82 32.03 -6.67
N TYR A 88 9.02 33.27 -7.04
CA TYR A 88 8.83 33.77 -8.42
C TYR A 88 10.21 34.10 -9.01
N TYR A 89 10.41 33.75 -10.26
CA TYR A 89 11.66 34.01 -10.99
C TYR A 89 11.32 34.70 -12.30
N CYS A 90 12.13 35.67 -12.66
CA CYS A 90 12.23 36.14 -14.04
C CYS A 90 13.33 35.36 -14.75
N ALA A 91 13.21 35.27 -16.06
CA ALA A 91 14.24 34.65 -16.90
C ALA A 91 14.27 35.40 -18.22
N GLY A 92 15.46 35.81 -18.64
CA GLY A 92 15.58 36.69 -19.81
C GLY A 92 16.45 36.06 -20.90
N GLY A 93 16.48 36.72 -22.01
CA GLY A 93 17.28 36.31 -23.17
C GLY A 93 17.97 37.53 -23.76
N TYR A 94 19.23 37.36 -24.15
CA TYR A 94 20.04 38.46 -24.71
C TYR A 94 20.67 38.02 -26.02
N ASN A 95 20.98 39.01 -26.86
CA ASN A 95 21.85 38.79 -28.05
C ASN A 95 23.06 38.00 -27.55
N GLY A 96 23.47 37.00 -28.29
CA GLY A 96 24.62 36.15 -27.92
C GLY A 96 24.16 34.89 -27.22
N ASN A 97 22.84 34.65 -27.21
CA ASN A 97 22.23 33.43 -26.64
C ASN A 97 22.64 33.31 -25.18
N ILE A 98 22.35 34.37 -24.41
CA ILE A 98 22.61 34.42 -22.95
C ILE A 98 21.24 34.38 -22.26
N PHE A 99 21.02 33.44 -21.34
CA PHE A 99 19.67 33.17 -20.80
C PHE A 99 19.70 33.07 -19.28
N PRO A 100 19.94 34.18 -18.57
CA PRO A 100 19.98 34.15 -17.12
C PRO A 100 18.58 34.08 -16.50
N PHE A 101 18.51 33.41 -15.35
CA PHE A 101 17.42 33.59 -14.37
C PHE A 101 17.78 34.72 -13.40
N GLY A 102 16.76 35.45 -12.97
CA GLY A 102 16.84 36.31 -11.78
C GLY A 102 17.01 35.43 -10.56
N GLY A 103 17.36 36.05 -9.42
CA GLY A 103 17.70 35.24 -8.23
C GLY A 103 16.48 34.82 -7.44
N GLY A 104 15.29 35.24 -7.85
CA GLY A 104 14.06 34.80 -7.18
C GLY A 104 13.55 35.78 -6.15
N THR A 105 12.24 35.77 -5.95
CA THR A 105 11.53 36.54 -4.90
C THR A 105 10.57 35.59 -4.20
N GLU A 106 10.72 35.43 -2.88
CA GLU A 106 9.75 34.68 -2.07
C GLU A 106 8.54 35.60 -1.83
N VAL A 107 7.34 35.08 -2.02
CA VAL A 107 6.08 35.76 -1.64
C VAL A 107 5.51 35.03 -0.42
N VAL A 108 5.38 35.77 0.68
CA VAL A 108 4.79 35.25 1.95
C VAL A 108 3.40 35.90 2.03
N VAL A 109 2.35 35.09 2.19
CA VAL A 109 0.96 35.59 2.27
C VAL A 109 0.54 35.63 3.75
N THR A 110 0.28 36.84 4.25
CA THR A 110 0.17 37.08 5.72
C THR A 110 -1.30 37.25 6.10
N GLY A 111 -1.55 37.24 7.41
CA GLY A 111 -2.89 37.12 8.00
C GLY A 111 -2.80 37.13 9.52
N ASP A 112 -3.96 37.05 10.15
CA ASP A 112 -4.10 36.97 11.63
C ASP A 112 -3.31 35.75 12.11
N PRO A 113 -2.64 35.85 13.29
CA PRO A 113 -2.06 34.68 13.92
C PRO A 113 -3.11 33.56 13.99
N VAL A 114 -2.65 32.33 13.91
CA VAL A 114 -3.43 31.09 14.16
C VAL A 114 -2.59 30.30 15.16
N ALA A 115 -3.17 29.96 16.30
CA ALA A 115 -2.46 29.26 17.39
C ALA A 115 -2.29 27.81 16.97
N PRO A 116 -1.12 27.18 17.17
CA PRO A 116 -0.95 25.76 16.86
C PRO A 116 -1.65 24.87 17.89
N THR A 117 -2.10 23.69 17.48
CA THR A 117 -2.25 22.53 18.40
C THR A 117 -0.99 21.69 18.28
N VAL A 118 -0.69 20.97 19.35
CA VAL A 118 0.61 20.31 19.53
C VAL A 118 0.35 18.84 19.81
N LEU A 119 1.06 17.97 19.11
CA LEU A 119 0.99 16.51 19.32
C LEU A 119 2.41 16.02 19.63
N ILE A 120 2.52 15.01 20.46
CA ILE A 120 3.85 14.38 20.70
C ILE A 120 3.68 12.88 20.47
N PHE A 121 4.66 12.27 19.84
CA PHE A 121 4.68 10.84 19.49
C PHE A 121 5.87 10.17 20.17
N PRO A 122 5.63 9.28 21.15
CA PRO A 122 6.71 8.48 21.73
C PRO A 122 7.35 7.57 20.70
N PRO A 123 8.61 7.13 20.92
CA PRO A 123 9.27 6.21 20.01
C PRO A 123 8.56 4.84 20.02
N ALA A 124 8.50 4.24 18.83
CA ALA A 124 7.97 2.88 18.60
C ALA A 124 8.87 1.90 19.34
N ALA A 125 8.27 0.90 20.00
CA ALA A 125 8.96 -0.20 20.70
C ALA A 125 10.24 -0.63 19.95
N ASP A 126 10.17 -0.71 18.61
CA ASP A 126 11.25 -1.34 17.79
C ASP A 126 12.44 -0.38 17.64
N GLN A 127 12.24 0.94 17.86
CA GLN A 127 13.30 1.99 17.83
C GLN A 127 14.28 1.78 18.99
N VAL A 128 13.72 1.59 20.17
CA VAL A 128 14.56 1.53 21.42
C VAL A 128 15.68 0.49 21.21
N ALA A 129 15.34 -0.64 20.59
CA ALA A 129 16.24 -1.81 20.44
C ALA A 129 17.44 -1.39 19.60
N THR A 130 17.31 -0.38 18.72
CA THR A 130 18.36 0.01 17.74
C THR A 130 19.52 0.73 18.42
N GLY A 131 19.29 1.18 19.67
CA GLY A 131 20.26 1.96 20.46
C GLY A 131 19.99 3.45 20.38
N THR A 132 19.25 3.93 19.39
CA THR A 132 18.93 5.37 19.26
C THR A 132 17.40 5.51 19.27
N VAL A 133 16.91 6.60 19.87
CA VAL A 133 15.45 6.92 19.94
C VAL A 133 15.15 8.30 19.35
N THR A 134 14.03 8.41 18.63
CA THR A 134 13.56 9.69 18.03
C THR A 134 12.16 10.00 18.55
N ILE A 135 12.03 11.11 19.28
CA ILE A 135 10.72 11.62 19.76
C ILE A 135 10.26 12.72 18.79
N VAL A 136 9.01 12.67 18.35
CA VAL A 136 8.49 13.64 17.37
C VAL A 136 7.41 14.49 18.02
N CYS A 137 7.56 15.80 17.89
CA CYS A 137 6.56 16.80 18.29
C CYS A 137 6.09 17.52 17.02
N VAL A 138 4.77 17.66 16.85
CA VAL A 138 4.19 18.39 15.69
C VAL A 138 3.37 19.59 16.19
N ALA A 139 3.64 20.75 15.62
CA ALA A 139 2.83 21.98 15.73
C ALA A 139 1.96 22.05 14.49
N ASN A 140 0.66 21.95 14.67
CA ASN A 140 -0.36 21.81 13.59
CA ASN A 140 -0.33 21.81 13.56
C ASN A 140 -0.96 23.17 13.26
N LYS A 141 -0.98 23.56 11.96
CA LYS A 141 -1.89 24.56 11.38
C LYS A 141 -1.74 25.88 12.16
N TYR A 142 -0.59 26.54 12.03
CA TYR A 142 -0.31 27.80 12.77
C TYR A 142 0.20 28.90 11.83
N PHE A 143 0.21 30.10 12.34
CA PHE A 143 0.71 31.29 11.62
C PHE A 143 0.87 32.42 12.61
N PRO A 144 1.92 33.25 12.52
CA PRO A 144 3.08 33.06 11.64
C PRO A 144 4.02 31.99 12.27
N ASP A 145 5.32 32.24 12.35
CA ASP A 145 6.34 31.24 12.79
C ASP A 145 6.26 31.01 14.31
N VAL A 146 6.71 29.83 14.73
CA VAL A 146 6.85 29.37 16.13
C VAL A 146 8.33 29.04 16.42
N THR A 147 8.61 28.90 17.71
CA THR A 147 9.85 28.30 18.26
C THR A 147 9.46 27.11 19.12
N VAL A 148 10.33 26.12 19.25
CA VAL A 148 10.05 24.88 20.04
C VAL A 148 11.15 24.66 21.08
N THR A 149 10.74 24.23 22.27
CA THR A 149 11.61 23.84 23.41
C THR A 149 11.24 22.40 23.79
N TRP A 150 12.25 21.62 24.17
CA TRP A 150 12.07 20.27 24.73
C TRP A 150 12.52 20.31 26.17
N GLU A 151 11.76 19.67 27.07
CA GLU A 151 12.17 19.42 28.49
C GLU A 151 12.04 17.91 28.75
N VAL A 152 13.06 17.29 29.37
CA VAL A 152 13.08 15.85 29.73
C VAL A 152 13.15 15.78 31.26
N ASP A 153 12.06 15.33 31.90
CA ASP A 153 11.93 15.35 33.38
C ASP A 153 12.24 16.78 33.87
N GLY A 154 11.77 17.80 33.14
CA GLY A 154 11.89 19.23 33.55
C GLY A 154 13.20 19.89 33.12
N THR A 155 14.19 19.13 32.63
CA THR A 155 15.50 19.67 32.12
C THR A 155 15.38 20.05 30.64
N THR A 156 15.54 21.33 30.32
CA THR A 156 15.49 21.91 28.94
C THR A 156 16.63 21.30 28.10
N GLN A 157 16.33 20.72 26.94
CA GLN A 157 17.33 20.05 26.05
C GLN A 157 17.94 21.11 25.13
N THR A 158 19.24 21.00 24.87
CA THR A 158 20.04 21.95 24.05
C THR A 158 20.49 21.32 22.73
N THR A 159 20.73 20.01 22.71
CA THR A 159 21.27 19.28 21.53
C THR A 159 20.26 18.19 21.10
N GLY A 160 20.46 17.66 19.89
CA GLY A 160 19.72 16.50 19.36
C GLY A 160 18.34 16.88 18.84
N ILE A 161 18.09 18.18 18.62
CA ILE A 161 16.79 18.69 18.11
C ILE A 161 16.95 19.07 16.64
N GLU A 162 16.01 18.65 15.81
CA GLU A 162 15.92 19.05 14.38
C GLU A 162 14.47 19.45 14.06
N ASN A 163 14.30 20.57 13.36
CA ASN A 163 12.96 21.13 13.02
C ASN A 163 12.81 21.10 11.50
N SER A 164 11.58 20.92 11.06
CA SER A 164 11.21 20.92 9.65
C SER A 164 9.82 21.49 9.48
N LYS A 165 9.62 22.40 8.53
CA LYS A 165 8.36 23.17 8.39
C LYS A 165 7.78 22.95 6.99
N THR A 166 6.49 22.68 6.90
CA THR A 166 5.77 22.58 5.62
C THR A 166 5.60 23.98 5.07
N PRO A 167 5.62 24.11 3.75
CA PRO A 167 5.35 25.41 3.15
C PRO A 167 3.91 25.84 3.46
N GLN A 168 3.62 27.12 3.28
CA GLN A 168 2.26 27.67 3.51
C GLN A 168 1.20 26.85 2.80
N ASN A 169 0.14 26.52 3.53
CA ASN A 169 -1.03 25.77 3.03
C ASN A 169 -1.69 26.60 1.93
N SER A 170 -1.92 25.98 0.79
CA SER A 170 -2.48 26.66 -0.40
C SER A 170 -3.90 27.18 -0.09
N ALA A 171 -4.65 26.61 0.85
CA ALA A 171 -6.02 27.08 1.16
C ALA A 171 -6.01 28.12 2.29
N ASP A 172 -5.23 27.93 3.36
CA ASP A 172 -5.40 28.77 4.57
C ASP A 172 -4.12 29.45 5.03
N CYS A 173 -3.00 29.30 4.29
CA CYS A 173 -1.75 30.07 4.52
C CYS A 173 -0.99 29.50 5.72
N THR A 174 -1.51 28.51 6.45
CA THR A 174 -0.84 28.06 7.70
C THR A 174 0.36 27.16 7.40
N TYR A 175 1.23 27.06 8.39
CA TYR A 175 2.38 26.15 8.43
C TYR A 175 2.06 24.97 9.33
N ASN A 176 2.87 23.92 9.21
CA ASN A 176 3.00 22.82 10.19
C ASN A 176 4.49 22.65 10.48
N LEU A 177 4.83 22.24 11.69
CA LEU A 177 6.25 22.07 12.06
C LEU A 177 6.43 20.73 12.78
N SER A 178 7.49 20.02 12.40
CA SER A 178 7.97 18.82 13.14
C SER A 178 9.22 19.24 13.90
N SER A 179 9.28 18.85 15.16
CA SER A 179 10.50 19.00 15.99
C SER A 179 10.83 17.60 16.49
N THR A 180 12.05 17.14 16.21
CA THR A 180 12.45 15.74 16.56
C THR A 180 13.61 15.85 17.52
N LEU A 181 13.48 15.15 18.65
CA LEU A 181 14.53 15.03 19.68
C LEU A 181 15.11 13.61 19.56
N THR A 182 16.41 13.51 19.30
CA THR A 182 17.11 12.21 19.22
C THR A 182 17.89 11.97 20.53
N LEU A 183 17.74 10.79 21.12
CA LEU A 183 18.48 10.36 22.33
C LEU A 183 19.00 8.93 22.15
N THR A 184 20.03 8.56 22.91
CA THR A 184 20.42 7.13 23.01
C THR A 184 19.29 6.39 23.76
N SER A 185 19.18 5.08 23.54
CA SER A 185 18.18 4.23 24.26
C SER A 185 18.44 4.34 25.76
N THR A 186 19.71 4.36 26.17
CA THR A 186 20.08 4.49 27.61
C THR A 186 19.50 5.80 28.17
N GLN A 187 19.75 6.93 27.49
CA GLN A 187 19.23 8.25 27.94
C GLN A 187 17.69 8.21 27.99
N TYR A 188 17.04 7.67 26.97
CA TYR A 188 15.55 7.58 26.91
C TYR A 188 15.03 6.76 28.10
N ASN A 189 15.62 5.57 28.36
CA ASN A 189 15.14 4.61 29.39
C ASN A 189 15.50 5.13 30.79
N SER A 190 16.29 6.20 30.86
CA SER A 190 16.76 6.92 32.07
C SER A 190 15.66 7.84 32.62
N HIS A 191 14.81 8.39 31.76
CA HIS A 191 13.91 9.53 32.12
C HIS A 191 12.46 9.12 31.88
N LYS A 192 11.54 9.84 32.51
CA LYS A 192 10.10 9.51 32.51
C LYS A 192 9.30 10.53 31.66
N GLU A 193 9.37 11.82 32.00
CA GLU A 193 8.50 12.87 31.42
C GLU A 193 9.18 13.60 30.25
N TYR A 194 8.57 13.51 29.06
CA TYR A 194 9.03 14.18 27.82
C TYR A 194 8.02 15.27 27.43
N THR A 195 8.49 16.53 27.30
CA THR A 195 7.63 17.72 27.07
C THR A 195 8.09 18.53 25.84
N CYS A 196 7.14 18.83 24.95
CA CYS A 196 7.33 19.72 23.78
C CYS A 196 6.61 21.05 24.05
N LYS A 197 7.31 22.17 24.04
CA LYS A 197 6.72 23.52 24.25
C LYS A 197 6.82 24.32 22.95
N VAL A 198 5.68 24.72 22.37
CA VAL A 198 5.59 25.51 21.11
C VAL A 198 5.18 26.95 21.43
N THR A 199 6.04 27.89 21.06
CA THR A 199 5.89 29.32 21.39
C THR A 199 5.56 30.09 20.10
N LEU A 200 4.38 30.72 20.05
CA LEU A 200 3.97 31.66 18.98
C LEU A 200 3.98 33.06 19.59
N GLY A 201 4.96 33.89 19.26
CA GLY A 201 5.10 35.23 19.85
C GLY A 201 5.55 35.08 21.28
N THR A 202 4.70 35.48 22.22
CA THR A 202 5.02 35.38 23.66
C THR A 202 4.25 34.22 24.31
N THR A 203 3.40 33.52 23.57
CA THR A 203 2.50 32.49 24.15
C THR A 203 2.97 31.10 23.78
N SER A 204 3.06 30.25 24.82
CA SER A 204 3.48 28.83 24.74
C SER A 204 2.31 27.88 24.93
N VAL A 205 2.20 26.89 24.06
CA VAL A 205 1.34 25.68 24.18
C VAL A 205 2.25 24.47 24.43
N VAL A 206 1.89 23.64 25.39
CA VAL A 206 2.74 22.55 25.94
C VAL A 206 2.01 21.22 25.77
N GLN A 207 2.76 20.18 25.37
CA GLN A 207 2.28 18.79 25.26
C GLN A 207 3.35 17.87 25.84
N SER A 208 2.97 16.79 26.51
CA SER A 208 3.94 15.90 27.20
C SER A 208 3.42 14.46 27.21
N PHE A 209 4.34 13.50 27.42
CA PHE A 209 3.98 12.11 27.75
C PHE A 209 4.98 11.57 28.76
N ASN A 210 4.60 10.46 29.37
CA ASN A 210 5.43 9.76 30.37
C ASN A 210 5.75 8.39 29.77
N ARG A 211 7.05 8.03 29.70
CA ARG A 211 7.51 6.76 29.04
C ARG A 211 6.82 5.57 29.73
N GLY A 212 6.21 4.67 28.93
CA GLY A 212 5.65 3.37 29.34
C GLY A 212 4.14 3.33 29.29
N ASP A 213 3.49 4.47 28.99
CA ASP A 213 2.01 4.66 29.08
C ASP A 213 1.40 4.40 27.69
N GLN B 1 0.59 14.73 -22.93
CA GLN B 1 1.90 15.45 -23.19
C GLN B 1 2.72 15.67 -21.91
N SER B 2 3.97 15.26 -21.90
CA SER B 2 4.85 15.36 -20.71
C SER B 2 6.33 15.28 -21.09
N VAL B 3 7.16 15.75 -20.16
CA VAL B 3 8.63 15.52 -20.19
C VAL B 3 9.00 14.82 -18.88
N GLU B 4 9.98 13.93 -18.96
CA GLU B 4 10.43 13.16 -17.78
C GLU B 4 11.94 13.03 -17.83
N GLU B 5 12.59 13.44 -16.76
CA GLU B 5 14.03 13.23 -16.56
C GLU B 5 14.28 11.88 -15.90
N SER B 6 15.43 11.30 -16.19
CA SER B 6 15.90 10.07 -15.51
CA SER B 6 15.90 10.10 -15.47
C SER B 6 17.42 10.15 -15.35
N GLY B 7 17.95 9.39 -14.40
CA GLY B 7 19.41 9.20 -14.29
C GLY B 7 19.92 9.73 -12.98
N GLY B 8 19.12 10.51 -12.24
CA GLY B 8 19.57 11.00 -10.93
C GLY B 8 20.00 9.84 -10.05
N ARG B 9 21.17 9.95 -9.46
CA ARG B 9 21.70 8.92 -8.53
C ARG B 9 22.87 9.49 -7.74
N LEU B 10 23.30 8.72 -6.75
CA LEU B 10 24.44 9.04 -5.88
C LEU B 10 25.72 8.61 -6.59
N VAL B 11 26.67 9.53 -6.74
CA VAL B 11 28.00 9.25 -7.35
C VAL B 11 29.08 9.94 -6.53
N THR B 12 30.27 9.36 -6.55
CA THR B 12 31.47 9.97 -5.94
C THR B 12 31.96 11.06 -6.85
N PRO B 13 32.56 12.13 -6.31
CA PRO B 13 33.15 13.16 -7.14
C PRO B 13 34.03 12.58 -8.24
N GLY B 14 33.91 13.15 -9.43
CA GLY B 14 34.72 12.77 -10.60
C GLY B 14 34.10 11.66 -11.42
N THR B 15 33.09 10.95 -10.91
CA THR B 15 32.38 9.85 -11.64
C THR B 15 31.41 10.45 -12.65
N PRO B 16 31.63 10.33 -13.98
CA PRO B 16 30.72 10.93 -14.94
C PRO B 16 29.32 10.27 -14.86
N LEU B 17 28.28 11.05 -15.13
CA LEU B 17 26.94 10.46 -15.26
C LEU B 17 26.15 11.25 -16.28
N THR B 18 25.20 10.53 -16.87
CA THR B 18 24.35 11.07 -17.95
C THR B 18 22.92 11.02 -17.43
N LEU B 19 22.23 12.14 -17.61
CA LEU B 19 20.76 12.25 -17.40
C LEU B 19 20.07 12.23 -18.75
N THR B 20 18.86 11.72 -18.80
CA THR B 20 18.06 11.70 -20.04
C THR B 20 16.75 12.45 -19.82
N CYS B 21 16.28 13.06 -20.87
CA CYS B 21 14.98 13.73 -20.94
C CYS B 21 14.17 13.03 -22.01
N THR B 22 13.04 12.47 -21.65
CA THR B 22 12.11 11.77 -22.58
C THR B 22 10.82 12.59 -22.70
N VAL B 23 10.33 12.77 -23.92
CA VAL B 23 9.09 13.54 -24.19
C VAL B 23 8.02 12.50 -24.56
N SER B 24 6.77 12.81 -24.21
CA SER B 24 5.60 11.97 -24.51
C SER B 24 4.52 12.87 -25.15
N GLY B 25 3.95 12.41 -26.27
CA GLY B 25 2.81 13.09 -26.92
C GLY B 25 3.22 14.23 -27.83
N PHE B 26 4.53 14.41 -28.07
CA PHE B 26 5.06 15.33 -29.10
C PHE B 26 6.47 14.89 -29.47
N SER B 27 7.05 15.51 -30.51
CA SER B 27 8.39 15.17 -31.07
C SER B 27 9.50 15.88 -30.29
N LEU B 28 10.60 15.18 -30.11
CA LEU B 28 11.85 15.69 -29.45
C LEU B 28 12.34 16.97 -30.16
N THR B 29 12.06 17.11 -31.45
CA THR B 29 12.68 18.17 -32.27
C THR B 29 11.73 19.35 -32.50
N SER B 30 10.46 19.28 -32.03
CA SER B 30 9.42 20.31 -32.30
C SER B 30 9.72 21.63 -31.60
N TYR B 31 10.26 21.55 -30.38
CA TYR B 31 10.43 22.70 -29.46
C TYR B 31 11.84 22.69 -28.88
N ASP B 32 12.24 23.87 -28.43
CA ASP B 32 13.52 24.07 -27.69
C ASP B 32 13.50 23.09 -26.52
N MET B 33 14.62 22.40 -26.28
CA MET B 33 14.73 21.43 -25.18
C MET B 33 15.90 21.88 -24.33
N SER B 34 15.63 22.18 -23.06
CA SER B 34 16.57 22.85 -22.13
C SER B 34 16.82 21.98 -20.92
N TRP B 35 18.00 22.18 -20.34
CA TRP B 35 18.40 21.63 -19.02
C TRP B 35 18.65 22.82 -18.06
N VAL B 36 18.05 22.71 -16.90
CA VAL B 36 18.08 23.75 -15.83
C VAL B 36 18.38 22.98 -14.56
N ARG B 37 19.12 23.56 -13.65
CA ARG B 37 19.29 22.84 -12.35
C ARG B 37 19.01 23.78 -11.19
N GLN B 38 18.83 23.15 -10.04
CA GLN B 38 18.47 23.88 -8.80
C GLN B 38 19.13 23.15 -7.63
N ALA B 39 20.17 23.73 -7.08
CA ALA B 39 20.82 23.17 -5.86
C ALA B 39 19.83 23.29 -4.71
N PRO B 40 19.92 22.44 -3.68
CA PRO B 40 18.94 22.45 -2.59
C PRO B 40 18.80 23.85 -1.93
N GLY B 41 17.58 24.35 -1.89
CA GLY B 41 17.21 25.66 -1.31
C GLY B 41 17.68 26.86 -2.11
N LYS B 42 18.19 26.66 -3.32
CA LYS B 42 18.76 27.77 -4.13
C LYS B 42 17.86 28.05 -5.35
N GLY B 43 18.32 28.96 -6.19
CA GLY B 43 17.60 29.42 -7.40
C GLY B 43 17.79 28.51 -8.61
N LEU B 44 17.05 28.82 -9.65
CA LEU B 44 17.15 28.09 -10.94
C LEU B 44 18.39 28.58 -11.70
N GLU B 45 19.05 27.66 -12.38
CA GLU B 45 20.26 27.98 -13.17
C GLU B 45 20.14 27.27 -14.52
N TYR B 46 20.20 28.05 -15.59
CA TYR B 46 20.17 27.53 -16.98
C TYR B 46 21.52 26.88 -17.28
N ILE B 47 21.47 25.69 -17.88
CA ILE B 47 22.69 24.94 -18.29
C ILE B 47 22.88 25.05 -19.80
N GLY B 48 21.89 24.65 -20.56
CA GLY B 48 22.03 24.68 -22.02
C GLY B 48 20.74 24.22 -22.67
N PHE B 49 20.69 24.26 -24.00
CA PHE B 49 19.46 23.81 -24.71
C PHE B 49 19.79 23.50 -26.17
N ILE B 50 18.89 22.74 -26.78
CA ILE B 50 18.89 22.48 -28.25
C ILE B 50 17.74 23.28 -28.86
N SER B 51 18.07 24.13 -29.83
CA SER B 51 17.11 25.04 -30.50
C SER B 51 16.29 24.29 -31.56
N SER B 52 14.98 24.50 -31.55
CA SER B 52 14.08 23.99 -32.62
C SER B 52 14.21 24.85 -33.87
N THR B 53 14.79 26.06 -33.79
CA THR B 53 14.81 26.99 -34.95
C THR B 53 16.15 26.88 -35.68
N THR B 54 17.26 26.87 -34.95
CA THR B 54 18.63 26.80 -35.53
C THR B 54 19.10 25.34 -35.59
N GLY B 55 18.52 24.44 -34.79
CA GLY B 55 18.97 23.05 -34.62
C GLY B 55 20.23 22.96 -33.74
N GLY B 56 20.75 24.11 -33.28
CA GLY B 56 22.03 24.23 -32.58
C GLY B 56 21.91 23.90 -31.09
N THR B 57 23.05 23.57 -30.48
CA THR B 57 23.21 23.32 -29.04
C THR B 57 24.00 24.50 -28.45
N TYR B 58 23.50 25.00 -27.32
CA TYR B 58 24.03 26.22 -26.65
C TYR B 58 24.24 25.87 -25.19
N TYR B 59 25.24 26.50 -24.60
CA TYR B 59 25.56 26.34 -23.17
C TYR B 59 25.67 27.71 -22.52
N ALA B 60 25.26 27.78 -21.27
CA ALA B 60 25.64 28.90 -20.38
C ALA B 60 27.17 28.98 -20.33
N SER B 61 27.74 30.19 -20.29
CA SER B 61 29.22 30.37 -20.23
C SER B 61 29.82 29.53 -19.07
N TRP B 62 29.21 29.59 -17.88
CA TRP B 62 29.74 28.89 -16.68
C TRP B 62 29.77 27.36 -16.91
N ALA B 63 28.91 26.82 -17.76
CA ALA B 63 28.63 25.35 -17.87
C ALA B 63 29.50 24.71 -18.96
N LYS B 64 30.09 25.50 -19.86
CA LYS B 64 30.89 25.01 -21.01
C LYS B 64 31.99 24.07 -20.51
N GLY B 65 32.08 22.87 -21.06
CA GLY B 65 33.08 21.87 -20.61
C GLY B 65 32.57 21.02 -19.45
N ARG B 66 31.76 21.59 -18.53
CA ARG B 66 31.29 20.85 -17.31
C ARG B 66 30.14 19.90 -17.68
N PHE B 67 29.45 20.23 -18.76
CA PHE B 67 28.26 19.48 -19.24
C PHE B 67 28.37 19.32 -20.76
N THR B 68 27.88 18.21 -21.23
CA THR B 68 27.74 17.91 -22.67
C THR B 68 26.29 17.56 -22.94
N ILE B 69 25.66 18.26 -23.87
CA ILE B 69 24.26 17.97 -24.30
C ILE B 69 24.34 17.30 -25.67
N SER B 70 23.61 16.20 -25.81
CA SER B 70 23.52 15.41 -27.05
C SER B 70 22.11 14.82 -27.15
N LYS B 71 21.79 14.19 -28.25
CA LYS B 71 20.44 13.57 -28.36
C LYS B 71 20.59 12.17 -28.97
N THR B 72 19.68 11.28 -28.57
CA THR B 72 19.48 9.95 -29.19
C THR B 72 18.19 10.03 -30.03
N SER B 73 17.72 8.90 -30.55
CA SER B 73 16.46 8.80 -31.31
C SER B 73 15.28 9.20 -30.41
N THR B 74 15.39 8.99 -29.08
CA THR B 74 14.26 9.13 -28.12
C THR B 74 14.56 10.05 -26.93
N THR B 75 15.77 10.55 -26.73
CA THR B 75 16.07 11.39 -25.54
C THR B 75 16.97 12.58 -25.89
N VAL B 76 16.83 13.66 -25.10
CA VAL B 76 17.85 14.72 -25.01
C VAL B 76 18.66 14.45 -23.73
N ASP B 77 19.98 14.34 -23.86
CA ASP B 77 20.86 13.86 -22.77
C ASP B 77 21.74 15.01 -22.25
N LEU B 78 22.08 14.95 -20.97
CA LEU B 78 23.00 15.86 -20.26
C LEU B 78 24.03 14.99 -19.55
N LYS B 79 25.27 15.07 -20.01
CA LYS B 79 26.40 14.42 -19.34
C LYS B 79 27.10 15.46 -18.44
N ILE B 80 27.26 15.10 -17.18
CA ILE B 80 28.12 15.85 -16.23
C ILE B 80 29.50 15.21 -16.29
N THR B 81 30.47 15.92 -16.85
CA THR B 81 31.74 15.30 -17.30
C THR B 81 32.59 14.94 -16.07
N SER B 82 32.61 15.77 -15.03
CA SER B 82 33.42 15.48 -13.83
C SER B 82 32.74 16.07 -12.62
N PRO B 83 31.71 15.38 -12.08
CA PRO B 83 30.93 15.99 -11.00
C PRO B 83 31.73 16.36 -9.76
N THR B 84 31.34 17.48 -9.16
CA THR B 84 31.82 17.97 -7.85
C THR B 84 30.66 17.98 -6.86
N THR B 85 30.99 18.18 -5.60
CA THR B 85 30.02 18.39 -4.50
C THR B 85 29.02 19.43 -4.96
N GLU B 86 29.50 20.49 -5.62
CA GLU B 86 28.74 21.69 -6.02
C GLU B 86 27.76 21.33 -7.15
N ASP B 87 27.85 20.15 -7.74
CA ASP B 87 26.91 19.74 -8.80
C ASP B 87 25.70 19.01 -8.18
N THR B 88 25.66 18.82 -6.86
CA THR B 88 24.49 18.23 -6.17
C THR B 88 23.30 19.16 -6.42
N ALA B 89 22.26 18.64 -7.08
CA ALA B 89 21.11 19.47 -7.45
C ALA B 89 20.00 18.61 -8.02
N THR B 90 18.80 19.20 -8.11
CA THR B 90 17.75 18.68 -9.00
C THR B 90 17.99 19.25 -10.40
N TYR B 91 17.98 18.37 -11.38
CA TYR B 91 18.13 18.69 -12.81
C TYR B 91 16.74 18.54 -13.44
N PHE B 92 16.32 19.59 -14.12
CA PHE B 92 15.05 19.65 -14.84
C PHE B 92 15.32 19.72 -16.33
N CYS B 93 14.48 19.04 -17.09
CA CYS B 93 14.40 19.36 -18.53
CA CYS B 93 14.33 19.24 -18.54
C CYS B 93 13.05 20.03 -18.82
N ALA B 94 13.07 20.90 -19.80
CA ALA B 94 11.89 21.73 -20.14
C ALA B 94 11.76 21.84 -21.66
N ALA B 95 10.53 21.85 -22.15
CA ALA B 95 10.22 22.00 -23.59
C ALA B 95 9.65 23.39 -23.83
N GLY B 96 10.07 24.03 -24.93
CA GLY B 96 9.49 25.30 -25.38
C GLY B 96 10.43 26.45 -25.15
N SER B 97 10.33 27.47 -25.97
CA SER B 97 11.25 28.63 -25.98
C SER B 97 11.13 29.38 -24.66
N TRP B 98 10.02 29.20 -23.94
CA TRP B 98 9.74 29.95 -22.70
C TRP B 98 9.75 29.00 -21.49
N TYR B 99 10.38 27.84 -21.62
CA TYR B 99 10.30 26.76 -20.58
C TYR B 99 8.83 26.47 -20.26
N ASN B 100 8.06 26.14 -21.29
CA ASN B 100 6.58 26.04 -21.19
C ASN B 100 6.17 24.79 -20.39
N MET B 101 6.90 23.68 -20.56
CA MET B 101 6.59 22.34 -20.01
C MET B 101 7.85 21.83 -19.29
N TRP B 102 7.73 21.53 -18.01
CA TRP B 102 8.83 21.06 -17.14
C TRP B 102 8.57 19.63 -16.73
N GLY B 103 9.66 18.86 -16.58
CA GLY B 103 9.64 17.57 -15.90
C GLY B 103 9.63 17.76 -14.39
N PRO B 104 9.43 16.67 -13.62
CA PRO B 104 9.42 16.70 -12.16
C PRO B 104 10.81 16.92 -11.56
N GLY B 105 11.83 16.68 -12.37
CA GLY B 105 13.23 16.79 -11.95
C GLY B 105 13.80 15.46 -11.51
N THR B 106 15.11 15.31 -11.66
CA THR B 106 15.84 14.10 -11.18
C THR B 106 16.99 14.60 -10.29
N LEU B 107 17.22 13.96 -9.16
CA LEU B 107 18.20 14.45 -8.19
C LEU B 107 19.53 13.74 -8.41
N VAL B 108 20.56 14.56 -8.52
CA VAL B 108 21.98 14.14 -8.54
C VAL B 108 22.58 14.44 -7.18
N THR B 109 23.15 13.41 -6.56
CA THR B 109 23.85 13.54 -5.27
C THR B 109 25.31 13.20 -5.52
N VAL B 110 26.20 14.16 -5.31
CA VAL B 110 27.66 13.96 -5.48
C VAL B 110 28.28 13.97 -4.08
N SER B 111 28.63 12.79 -3.60
CA SER B 111 29.24 12.61 -2.27
C SER B 111 29.86 11.22 -2.10
N SER B 112 30.59 11.03 -1.00
CA SER B 112 31.30 9.77 -0.67
C SER B 112 30.40 8.70 0.00
N GLY B 113 29.14 8.98 0.31
CA GLY B 113 28.29 8.03 1.06
C GLY B 113 27.94 6.73 0.30
N GLN B 114 27.46 5.70 0.99
CA GLN B 114 26.90 4.48 0.35
C GLN B 114 25.38 4.55 0.49
N PRO B 115 24.62 4.00 -0.47
CA PRO B 115 23.17 4.02 -0.37
C PRO B 115 22.72 3.33 0.92
N LYS B 116 21.64 3.82 1.54
CA LYS B 116 21.05 3.18 2.74
C LYS B 116 19.53 3.32 2.66
N ALA B 117 18.82 2.21 2.78
CA ALA B 117 17.35 2.21 2.86
C ALA B 117 16.94 2.74 4.24
N PRO B 118 15.79 3.43 4.31
CA PRO B 118 15.28 3.91 5.58
C PRO B 118 14.71 2.77 6.42
N SER B 119 14.72 3.00 7.74
CA SER B 119 13.88 2.31 8.73
C SER B 119 12.62 3.15 8.91
N VAL B 120 11.48 2.50 9.06
CA VAL B 120 10.18 3.20 9.18
C VAL B 120 9.54 2.80 10.49
N PHE B 121 9.24 3.78 11.31
CA PHE B 121 8.67 3.57 12.66
C PHE B 121 7.30 4.21 12.76
N PRO B 122 6.33 3.52 13.38
CA PRO B 122 4.99 4.07 13.56
C PRO B 122 5.00 5.19 14.62
N LEU B 123 4.22 6.23 14.38
CA LEU B 123 4.00 7.39 15.28
C LEU B 123 2.55 7.34 15.77
N ALA B 124 2.35 7.13 17.06
CA ALA B 124 1.00 7.14 17.66
C ALA B 124 1.06 7.83 19.01
N PRO B 125 0.07 8.68 19.32
CA PRO B 125 0.02 9.39 20.59
C PRO B 125 -0.12 8.37 21.73
N CYS B 126 0.56 8.64 22.85
CA CYS B 126 0.48 7.90 24.14
C CYS B 126 -0.98 7.68 24.55
N MET B 135 -8.11 11.71 15.43
CA MET B 135 -6.79 11.18 15.84
C MET B 135 -5.73 11.43 14.74
N THR B 136 -4.48 11.62 15.13
CA THR B 136 -3.36 11.81 14.19
C THR B 136 -2.35 10.67 14.40
N LEU B 137 -2.00 10.01 13.31
CA LEU B 137 -1.03 8.89 13.27
C LEU B 137 0.05 9.27 12.23
N GLY B 138 1.19 8.60 12.30
CA GLY B 138 2.26 8.94 11.34
C GLY B 138 3.28 7.86 11.18
N CYS B 139 4.29 8.20 10.40
CA CYS B 139 5.46 7.32 10.15
C CYS B 139 6.70 8.19 10.18
N LEU B 140 7.70 7.74 10.93
CA LEU B 140 9.06 8.30 10.95
C LEU B 140 9.90 7.50 9.97
N VAL B 141 10.51 8.20 9.03
CA VAL B 141 11.33 7.56 7.96
C VAL B 141 12.77 7.97 8.24
N LYS B 142 13.55 7.08 8.84
CA LYS B 142 14.83 7.45 9.49
C LYS B 142 16.00 6.78 8.77
N GLY B 143 17.05 7.56 8.47
CA GLY B 143 18.38 7.06 8.10
C GLY B 143 18.48 6.54 6.68
N TYR B 144 18.16 7.35 5.66
CA TYR B 144 18.32 6.94 4.24
C TYR B 144 19.31 7.85 3.52
N LEU B 145 19.80 7.35 2.37
CA LEU B 145 20.69 8.07 1.43
C LEU B 145 20.73 7.31 0.12
N PRO B 146 20.68 7.98 -1.05
CA PRO B 146 20.43 9.42 -1.13
C PRO B 146 18.94 9.76 -0.95
N GLU B 147 18.62 11.05 -0.99
CA GLU B 147 17.22 11.50 -1.22
C GLU B 147 16.86 11.10 -2.66
N PRO B 148 15.57 10.98 -3.04
CA PRO B 148 14.45 11.11 -2.11
C PRO B 148 13.86 9.79 -1.58
N VAL B 149 12.91 9.92 -0.66
CA VAL B 149 11.88 8.88 -0.38
C VAL B 149 10.54 9.49 -0.78
N THR B 150 9.60 8.64 -1.20
CA THR B 150 8.19 9.03 -1.36
C THR B 150 7.39 8.35 -0.27
N VAL B 151 6.44 9.05 0.28
CA VAL B 151 5.51 8.54 1.32
C VAL B 151 4.10 8.70 0.78
N THR B 152 3.35 7.61 0.83
CA THR B 152 1.90 7.63 0.56
C THR B 152 1.20 6.98 1.75
N TRP B 153 -0.12 7.14 1.81
CA TRP B 153 -0.98 6.53 2.85
C TRP B 153 -2.05 5.71 2.16
N ASN B 154 -2.30 4.50 2.67
CA ASN B 154 -3.27 3.55 2.08
C ASN B 154 -3.04 3.50 0.56
N SER B 155 -1.78 3.36 0.14
CA SER B 155 -1.35 3.09 -1.25
C SER B 155 -1.73 4.26 -2.17
N GLY B 156 -1.72 5.49 -1.67
CA GLY B 156 -2.02 6.69 -2.48
C GLY B 156 -3.49 7.09 -2.42
N THR B 157 -4.35 6.30 -1.78
CA THR B 157 -5.83 6.55 -1.71
C THR B 157 -6.15 7.57 -0.61
N LEU B 158 -5.28 7.75 0.37
CA LEU B 158 -5.52 8.70 1.48
C LEU B 158 -4.56 9.88 1.32
N THR B 159 -5.07 11.05 0.95
CA THR B 159 -4.31 12.31 0.69
C THR B 159 -4.81 13.45 1.57
N ASN B 160 -6.11 13.50 1.82
CA ASN B 160 -6.75 14.46 2.76
C ASN B 160 -6.11 14.32 4.13
N GLY B 161 -5.62 15.43 4.69
CA GLY B 161 -5.13 15.50 6.08
C GLY B 161 -3.71 14.98 6.20
N VAL B 162 -3.00 14.84 5.08
CA VAL B 162 -1.61 14.29 5.06
C VAL B 162 -0.62 15.44 5.02
N ARG B 163 0.33 15.43 5.96
CA ARG B 163 1.47 16.38 6.01
C ARG B 163 2.76 15.57 6.06
N THR B 164 3.55 15.68 4.99
CA THR B 164 4.88 15.03 4.87
C THR B 164 5.90 16.14 4.90
N PHE B 165 6.68 16.18 5.99
CA PHE B 165 7.63 17.27 6.26
C PHE B 165 8.83 17.16 5.33
N PRO B 166 9.47 18.29 4.99
CA PRO B 166 10.76 18.26 4.28
C PRO B 166 11.81 17.44 5.04
N SER B 167 12.66 16.76 4.28
CA SER B 167 13.76 15.95 4.84
C SER B 167 14.72 16.85 5.60
N VAL B 168 15.39 16.32 6.61
CA VAL B 168 16.59 16.98 7.18
C VAL B 168 17.78 16.01 7.09
N ARG B 169 18.98 16.55 6.82
CA ARG B 169 20.24 15.77 6.82
C ARG B 169 20.83 15.79 8.23
N GLN B 170 21.14 14.62 8.78
CA GLN B 170 21.78 14.48 10.12
C GLN B 170 23.32 14.53 9.94
N SER B 171 24.05 14.61 11.05
CA SER B 171 25.53 14.62 11.12
C SER B 171 26.13 13.46 10.32
N SER B 172 25.50 12.28 10.40
CA SER B 172 25.88 11.01 9.71
C SER B 172 25.93 11.21 8.19
N GLY B 173 25.21 12.20 7.67
CA GLY B 173 24.97 12.36 6.23
C GLY B 173 23.67 11.71 5.83
N LEU B 174 23.02 11.02 6.77
CA LEU B 174 21.71 10.32 6.50
C LEU B 174 20.54 11.29 6.66
N TYR B 175 19.48 11.04 5.89
CA TYR B 175 18.25 11.88 5.88
C TYR B 175 17.16 11.25 6.71
N SER B 176 16.26 12.08 7.20
CA SER B 176 15.09 11.65 8.00
C SER B 176 13.91 12.57 7.68
N LEU B 177 12.69 12.04 7.73
CA LEU B 177 11.48 12.88 7.72
C LEU B 177 10.35 12.10 8.39
N SER B 178 9.30 12.82 8.75
CA SER B 178 8.07 12.23 9.27
C SER B 178 6.93 12.61 8.32
N SER B 179 5.91 11.77 8.32
CA SER B 179 4.63 12.03 7.64
C SER B 179 3.52 11.72 8.62
N VAL B 180 2.53 12.60 8.73
CA VAL B 180 1.39 12.37 9.64
C VAL B 180 0.09 12.56 8.86
N VAL B 181 -0.95 11.90 9.34
CA VAL B 181 -2.31 11.96 8.73
C VAL B 181 -3.36 12.02 9.84
N SER B 182 -4.37 12.86 9.66
CA SER B 182 -5.52 13.02 10.60
C SER B 182 -6.68 12.23 10.03
N VAL B 183 -7.34 11.45 10.88
CA VAL B 183 -8.57 10.66 10.55
C VAL B 183 -9.48 10.58 11.79
N THR B 184 -10.62 9.88 11.71
CA THR B 184 -11.60 9.61 12.83
C THR B 184 -10.89 8.93 14.01
N PRO B 189 -7.99 2.22 9.92
CA PRO B 189 -6.69 1.52 10.00
C PRO B 189 -5.74 1.95 8.87
N VAL B 190 -4.66 2.68 9.18
CA VAL B 190 -3.89 3.45 8.14
C VAL B 190 -2.50 2.86 7.98
N THR B 191 -2.08 2.79 6.74
CA THR B 191 -0.78 2.20 6.33
C THR B 191 0.04 3.27 5.64
N CYS B 192 1.29 3.46 6.06
CA CYS B 192 2.22 4.31 5.29
C CYS B 192 3.03 3.44 4.36
N ASN B 193 3.17 3.87 3.12
CA ASN B 193 3.91 3.20 2.04
C ASN B 193 5.12 4.08 1.72
N VAL B 194 6.31 3.62 2.08
CA VAL B 194 7.57 4.37 1.88
C VAL B 194 8.34 3.68 0.76
N ALA B 195 8.77 4.48 -0.23
CA ALA B 195 9.63 4.02 -1.34
C ALA B 195 10.97 4.75 -1.27
N HIS B 196 12.06 4.02 -1.45
CA HIS B 196 13.42 4.59 -1.59
C HIS B 196 13.89 4.16 -2.95
N PRO B 197 13.56 4.93 -4.01
CA PRO B 197 13.84 4.49 -5.37
C PRO B 197 15.32 4.11 -5.55
N ALA B 198 16.25 4.81 -4.91
CA ALA B 198 17.70 4.58 -5.15
C ALA B 198 18.01 3.10 -4.91
N THR B 199 17.36 2.49 -3.92
CA THR B 199 17.63 1.08 -3.52
C THR B 199 16.48 0.15 -3.89
N ASN B 200 15.48 0.66 -4.62
CA ASN B 200 14.30 -0.15 -5.04
CA ASN B 200 14.19 0.00 -5.02
C ASN B 200 13.61 -0.71 -3.80
N THR B 201 13.70 -0.03 -2.67
CA THR B 201 13.15 -0.55 -1.41
C THR B 201 11.73 -0.01 -1.22
N LYS B 202 10.81 -0.87 -0.78
CA LYS B 202 9.43 -0.52 -0.39
C LYS B 202 9.17 -1.02 1.03
N VAL B 203 8.70 -0.12 1.91
CA VAL B 203 8.37 -0.41 3.34
C VAL B 203 6.93 0.03 3.60
N ASP B 204 6.12 -0.86 4.17
CA ASP B 204 4.74 -0.57 4.58
C ASP B 204 4.70 -0.74 6.10
N LYS B 205 4.11 0.20 6.80
CA LYS B 205 3.78 0.06 8.24
C LYS B 205 2.31 0.41 8.44
N THR B 206 1.59 -0.52 9.03
CA THR B 206 0.21 -0.29 9.49
C THR B 206 0.31 0.31 10.90
N VAL B 207 -0.21 1.51 11.06
CA VAL B 207 -0.09 2.32 12.31
C VAL B 207 -1.42 2.24 13.04
N ALA B 208 -1.37 1.68 14.24
CA ALA B 208 -2.55 1.47 15.11
C ALA B 208 -2.53 2.55 16.19
N PRO B 209 -3.69 3.14 16.55
CA PRO B 209 -3.78 4.07 17.68
C PRO B 209 -3.30 3.36 18.95
N SER B 210 -2.61 4.08 19.83
CA SER B 210 -1.76 3.55 20.93
C SER B 210 -0.51 2.90 20.34
N GLN C 2 0.88 -3.29 -14.00
CA GLN C 2 1.57 -4.47 -13.39
C GLN C 2 1.01 -4.77 -12.00
N VAL C 3 0.56 -3.76 -11.23
CA VAL C 3 -0.09 -3.93 -9.89
C VAL C 3 -1.51 -3.38 -9.97
N LEU C 4 -2.48 -4.10 -9.40
CA LEU C 4 -3.81 -3.53 -9.09
C LEU C 4 -3.85 -3.28 -7.59
N THR C 5 -4.13 -2.04 -7.23
CA THR C 5 -4.22 -1.61 -5.82
C THR C 5 -5.69 -1.64 -5.45
N GLN C 6 -6.06 -2.59 -4.59
CA GLN C 6 -7.46 -2.75 -4.17
C GLN C 6 -7.58 -2.19 -2.75
N THR C 7 -8.54 -1.29 -2.55
CA THR C 7 -8.84 -0.63 -1.25
C THR C 7 -10.35 -0.59 -1.04
N PRO C 8 -10.81 -0.57 0.23
CA PRO C 8 -9.96 -0.82 1.39
C PRO C 8 -9.70 -2.34 1.57
N SER C 9 -8.97 -2.70 2.63
CA SER C 9 -8.66 -4.11 3.00
C SER C 9 -9.91 -4.78 3.57
N SER C 10 -10.72 -4.01 4.29
CA SER C 10 -11.95 -4.47 4.97
C SER C 10 -12.97 -3.33 4.98
N VAL C 11 -14.24 -3.70 4.95
CA VAL C 11 -15.39 -2.77 4.91
C VAL C 11 -16.56 -3.50 5.60
N SER C 12 -17.41 -2.72 6.26
CA SER C 12 -18.60 -3.19 7.02
C SER C 12 -19.81 -2.39 6.58
N ALA C 13 -20.95 -3.06 6.55
CA ALA C 13 -22.26 -2.44 6.40
C ALA C 13 -23.22 -3.29 7.22
N ALA C 14 -24.26 -2.67 7.74
CA ALA C 14 -25.44 -3.38 8.27
C ALA C 14 -26.13 -4.05 7.10
N VAL C 15 -26.96 -5.05 7.38
CA VAL C 15 -27.96 -5.54 6.40
C VAL C 15 -28.72 -4.32 5.84
N GLY C 16 -28.83 -4.28 4.51
CA GLY C 16 -29.52 -3.22 3.74
C GLY C 16 -28.62 -2.03 3.44
N GLY C 17 -27.39 -2.02 3.99
CA GLY C 17 -26.40 -0.98 3.74
C GLY C 17 -25.75 -1.07 2.36
N THR C 18 -24.78 -0.20 2.15
CA THR C 18 -24.03 -0.03 0.88
C THR C 18 -22.53 -0.10 1.16
N VAL C 19 -21.79 -0.84 0.33
CA VAL C 19 -20.32 -0.96 0.41
C VAL C 19 -19.75 -0.48 -0.92
N THR C 20 -18.58 0.16 -0.86
CA THR C 20 -17.79 0.58 -2.05
C THR C 20 -16.43 -0.08 -1.97
N ILE C 21 -15.97 -0.69 -3.05
CA ILE C 21 -14.61 -1.29 -3.13
C ILE C 21 -13.95 -0.69 -4.38
N ASN C 22 -12.72 -0.24 -4.25
CA ASN C 22 -11.99 0.44 -5.32
C ASN C 22 -10.81 -0.41 -5.76
N CYS C 23 -10.50 -0.30 -7.05
CA CYS C 23 -9.37 -0.97 -7.70
C CYS C 23 -8.67 0.04 -8.61
N GLN C 24 -7.40 0.31 -8.36
CA GLN C 24 -6.61 1.35 -9.09
C GLN C 24 -5.43 0.66 -9.78
N ALA C 25 -5.33 0.86 -11.09
CA ALA C 25 -4.24 0.36 -11.95
C ALA C 25 -3.14 1.42 -12.01
N SER C 26 -1.87 0.97 -12.03
CA SER C 26 -0.65 1.80 -12.19
C SER C 26 -0.66 2.47 -13.57
N GLN C 27 -1.26 1.82 -14.56
CA GLN C 27 -1.50 2.36 -15.92
C GLN C 27 -2.81 1.78 -16.49
N SER C 28 -3.23 2.22 -17.67
CA SER C 28 -4.54 1.84 -18.25
C SER C 28 -4.57 0.35 -18.52
N VAL C 29 -5.67 -0.30 -18.13
CA VAL C 29 -5.92 -1.73 -18.46
C VAL C 29 -6.21 -1.86 -19.97
N TYR C 30 -6.12 -3.06 -20.49
CA TYR C 30 -6.32 -3.37 -21.92
C TYR C 30 -7.71 -2.90 -22.37
N ASN C 31 -7.75 -2.14 -23.47
CA ASN C 31 -9.01 -1.57 -24.05
C ASN C 31 -9.73 -0.68 -23.04
N ASN C 32 -9.01 -0.16 -22.03
CA ASN C 32 -9.51 0.70 -20.93
C ASN C 32 -10.57 -0.01 -20.07
N ASN C 33 -10.90 -1.30 -20.29
CA ASN C 33 -12.04 -1.89 -19.54
C ASN C 33 -11.78 -3.35 -19.13
N TRP C 34 -10.54 -3.84 -19.26
CA TRP C 34 -10.20 -5.23 -18.90
C TRP C 34 -10.04 -5.34 -17.39
N LEU C 35 -11.17 -5.38 -16.70
CA LEU C 35 -11.21 -5.46 -15.23
C LEU C 35 -12.47 -6.24 -14.84
N GLY C 36 -12.29 -7.29 -14.04
CA GLY C 36 -13.38 -8.11 -13.49
C GLY C 36 -13.40 -8.06 -11.98
N TRP C 37 -14.56 -8.39 -11.41
CA TRP C 37 -14.78 -8.48 -9.96
C TRP C 37 -15.28 -9.88 -9.61
N TYR C 38 -14.80 -10.43 -8.50
CA TYR C 38 -15.03 -11.80 -8.03
C TYR C 38 -15.41 -11.79 -6.54
N GLN C 39 -16.25 -12.75 -6.17
CA GLN C 39 -16.64 -13.01 -4.77
C GLN C 39 -16.07 -14.36 -4.36
N GLN C 40 -15.50 -14.46 -3.16
CA GLN C 40 -15.04 -15.78 -2.68
C GLN C 40 -15.40 -15.97 -1.21
N LYS C 41 -16.08 -17.05 -0.92
CA LYS C 41 -16.32 -17.45 0.48
C LYS C 41 -15.32 -18.50 0.90
N PRO C 42 -14.97 -18.59 2.21
CA PRO C 42 -13.99 -19.56 2.68
C PRO C 42 -14.37 -20.98 2.25
N GLY C 43 -13.41 -21.71 1.67
CA GLY C 43 -13.59 -23.12 1.29
C GLY C 43 -14.12 -23.28 -0.12
N GLN C 44 -14.53 -22.18 -0.76
CA GLN C 44 -15.24 -22.27 -2.07
C GLN C 44 -14.34 -21.65 -3.13
N PRO C 45 -14.52 -21.99 -4.42
CA PRO C 45 -13.84 -21.24 -5.44
C PRO C 45 -14.47 -19.87 -5.58
N PRO C 46 -13.75 -18.93 -6.19
CA PRO C 46 -14.30 -17.64 -6.52
C PRO C 46 -15.47 -17.78 -7.50
N LYS C 47 -16.26 -16.73 -7.60
CA LYS C 47 -17.41 -16.58 -8.54
C LYS C 47 -17.25 -15.21 -9.22
N LEU C 48 -17.31 -15.19 -10.55
CA LEU C 48 -17.32 -13.95 -11.34
C LEU C 48 -18.60 -13.19 -11.04
N LEU C 49 -18.46 -11.91 -10.70
CA LEU C 49 -19.61 -11.00 -10.53
C LEU C 49 -19.78 -10.11 -11.74
N ILE C 50 -18.70 -9.44 -12.15
CA ILE C 50 -18.72 -8.32 -13.12
C ILE C 50 -17.54 -8.53 -14.09
N TYR C 51 -17.76 -8.40 -15.40
CA TYR C 51 -16.63 -8.47 -16.38
C TYR C 51 -16.69 -7.26 -17.27
N LYS C 52 -15.56 -6.96 -17.93
CA LYS C 52 -15.45 -5.75 -18.82
C LYS C 52 -15.93 -4.51 -18.02
N ALA C 53 -15.52 -4.43 -16.75
CA ALA C 53 -15.70 -3.27 -15.83
C ALA C 53 -17.13 -3.17 -15.30
N SER C 54 -18.16 -3.43 -16.12
CA SER C 54 -19.55 -3.04 -15.72
C SER C 54 -20.59 -4.07 -16.12
N THR C 55 -20.22 -5.12 -16.82
CA THR C 55 -21.18 -6.14 -17.27
C THR C 55 -21.44 -7.17 -16.17
N LEU C 56 -22.69 -7.30 -15.78
CA LEU C 56 -23.14 -8.26 -14.77
C LEU C 56 -23.09 -9.65 -15.38
N ALA C 57 -22.39 -10.57 -14.72
CA ALA C 57 -22.39 -11.99 -15.10
C ALA C 57 -23.81 -12.55 -14.90
N SER C 58 -24.15 -13.54 -15.73
CA SER C 58 -25.44 -14.27 -15.62
C SER C 58 -25.64 -14.78 -14.20
N GLY C 59 -26.81 -14.53 -13.63
CA GLY C 59 -27.22 -15.09 -12.33
C GLY C 59 -26.83 -14.19 -11.18
N VAL C 60 -26.03 -13.15 -11.44
CA VAL C 60 -25.51 -12.28 -10.34
C VAL C 60 -26.57 -11.27 -9.97
N PRO C 61 -26.86 -11.05 -8.66
CA PRO C 61 -27.85 -10.06 -8.25
C PRO C 61 -27.54 -8.63 -8.73
N SER C 62 -28.59 -7.87 -9.02
CA SER C 62 -28.52 -6.49 -9.58
C SER C 62 -27.88 -5.53 -8.56
N ARG C 63 -27.77 -5.93 -7.29
CA ARG C 63 -27.26 -5.06 -6.21
C ARG C 63 -25.72 -4.95 -6.35
N PHE C 64 -25.10 -5.80 -7.17
CA PHE C 64 -23.66 -5.70 -7.51
C PHE C 64 -23.51 -4.81 -8.74
N ARG C 65 -22.79 -3.72 -8.62
CA ARG C 65 -22.59 -2.77 -9.75
C ARG C 65 -21.10 -2.43 -9.96
N GLY C 66 -20.65 -2.57 -11.20
CA GLY C 66 -19.27 -2.21 -11.59
C GLY C 66 -19.24 -0.91 -12.36
N SER C 67 -18.22 -0.10 -12.15
CA SER C 67 -18.04 1.19 -12.84
C SER C 67 -16.54 1.51 -13.02
N GLY C 68 -16.26 2.52 -13.85
CA GLY C 68 -14.91 3.06 -14.12
C GLY C 68 -14.38 2.65 -15.47
N SER C 69 -13.18 3.14 -15.79
CA SER C 69 -12.47 2.90 -17.07
C SER C 69 -11.03 3.37 -16.90
N GLY C 70 -10.13 2.88 -17.76
CA GLY C 70 -8.71 3.28 -17.76
C GLY C 70 -7.98 2.75 -16.52
N THR C 71 -7.86 3.54 -15.45
CA THR C 71 -7.04 3.15 -14.27
C THR C 71 -7.85 3.04 -12.98
N GLN C 72 -9.09 3.51 -12.96
CA GLN C 72 -9.88 3.59 -11.70
C GLN C 72 -11.20 2.85 -11.88
N PHE C 73 -11.42 1.82 -11.07
CA PHE C 73 -12.60 0.93 -11.10
C PHE C 73 -13.20 0.83 -9.70
N THR C 74 -14.50 0.61 -9.69
CA THR C 74 -15.32 0.59 -8.46
C THR C 74 -16.34 -0.54 -8.55
N LEU C 75 -16.48 -1.30 -7.46
CA LEU C 75 -17.58 -2.26 -7.24
C LEU C 75 -18.41 -1.70 -6.10
N THR C 76 -19.73 -1.58 -6.27
CA THR C 76 -20.60 -1.25 -5.12
C THR C 76 -21.57 -2.40 -4.89
N ILE C 77 -21.93 -2.56 -3.63
CA ILE C 77 -22.94 -3.54 -3.20
C ILE C 77 -23.99 -2.75 -2.45
N SER C 78 -25.20 -2.72 -3.00
CA SER C 78 -26.34 -2.10 -2.30
C SER C 78 -27.18 -3.17 -1.61
N ASP C 79 -28.06 -2.77 -0.70
CA ASP C 79 -28.99 -3.69 0.01
C ASP C 79 -28.19 -4.91 0.51
N VAL C 80 -27.07 -4.68 1.17
CA VAL C 80 -26.13 -5.74 1.60
C VAL C 80 -26.89 -6.77 2.43
N GLN C 81 -26.59 -8.02 2.18
CA GLN C 81 -27.21 -9.18 2.85
C GLN C 81 -26.11 -9.98 3.55
N CYS C 82 -26.48 -10.73 4.57
CA CYS C 82 -25.58 -11.67 5.27
C CYS C 82 -24.85 -12.53 4.22
N ASP C 83 -25.53 -12.91 3.13
CA ASP C 83 -24.97 -13.77 2.05
C ASP C 83 -23.76 -13.08 1.37
N ASP C 84 -23.64 -11.78 1.49
CA ASP C 84 -22.58 -10.98 0.83
C ASP C 84 -21.30 -10.95 1.66
N ALA C 85 -21.32 -11.47 2.90
CA ALA C 85 -20.08 -11.58 3.71
C ALA C 85 -19.11 -12.54 2.99
N ALA C 86 -17.97 -12.03 2.55
CA ALA C 86 -17.04 -12.72 1.64
C ALA C 86 -15.80 -11.86 1.47
N THR C 87 -14.84 -12.38 0.72
CA THR C 87 -13.73 -11.62 0.18
C THR C 87 -14.03 -11.35 -1.30
N TYR C 88 -13.79 -10.12 -1.70
CA TYR C 88 -13.98 -9.65 -3.10
C TYR C 88 -12.60 -9.32 -3.69
N TYR C 89 -12.40 -9.69 -4.95
CA TYR C 89 -11.14 -9.42 -5.69
C TYR C 89 -11.49 -8.74 -7.00
N CYS C 90 -10.66 -7.77 -7.39
CA CYS C 90 -10.58 -7.34 -8.78
C CYS C 90 -9.47 -8.12 -9.48
N ALA C 91 -9.59 -8.23 -10.79
CA ALA C 91 -8.54 -8.88 -11.61
C ALA C 91 -8.52 -8.17 -12.95
N GLY C 92 -7.34 -7.79 -13.39
CA GLY C 92 -7.22 -6.93 -14.59
C GLY C 92 -6.33 -7.57 -15.66
N GLY C 93 -6.30 -6.94 -16.82
CA GLY C 93 -5.48 -7.36 -17.97
C GLY C 93 -4.80 -6.17 -18.58
N TYR C 94 -3.53 -6.33 -18.95
CA TYR C 94 -2.71 -5.24 -19.56
C TYR C 94 -2.05 -5.75 -20.83
N ASN C 95 -1.75 -4.81 -21.73
CA ASN C 95 -0.80 -5.04 -22.84
C ASN C 95 0.40 -5.80 -22.29
N GLY C 96 0.84 -6.81 -23.04
CA GLY C 96 1.95 -7.67 -22.65
C GLY C 96 1.47 -8.87 -21.89
N ASN C 97 0.15 -9.12 -21.89
CA ASN C 97 -0.46 -10.32 -21.29
C ASN C 97 -0.08 -10.38 -19.81
N ILE C 98 -0.38 -9.32 -19.07
CA ILE C 98 -0.15 -9.22 -17.61
C ILE C 98 -1.54 -9.25 -16.94
N PHE C 99 -1.77 -10.17 -16.00
CA PHE C 99 -3.13 -10.45 -15.47
C PHE C 99 -3.09 -10.51 -13.95
N PRO C 100 -2.91 -9.36 -13.27
CA PRO C 100 -2.84 -9.35 -11.83
C PRO C 100 -4.24 -9.44 -11.19
N PHE C 101 -4.26 -10.04 -10.01
CA PHE C 101 -5.36 -9.86 -9.03
C PHE C 101 -5.01 -8.73 -8.07
N GLY C 102 -6.04 -7.99 -7.67
CA GLY C 102 -5.97 -7.11 -6.50
C GLY C 102 -5.83 -7.94 -5.24
N GLY C 103 -5.46 -7.29 -4.14
CA GLY C 103 -5.13 -7.99 -2.89
C GLY C 103 -6.35 -8.47 -2.13
N GLY C 104 -7.55 -8.12 -2.57
CA GLY C 104 -8.77 -8.56 -1.88
C GLY C 104 -9.31 -7.57 -0.87
N THR C 105 -10.62 -7.59 -0.69
CA THR C 105 -11.34 -6.79 0.34
C THR C 105 -12.32 -7.71 1.07
N GLU C 106 -12.20 -7.79 2.39
CA GLU C 106 -13.19 -8.53 3.22
C GLU C 106 -14.39 -7.60 3.42
N VAL C 107 -15.58 -8.14 3.22
CA VAL C 107 -16.87 -7.50 3.59
C VAL C 107 -17.41 -8.21 4.82
N VAL C 108 -17.58 -7.44 5.90
CA VAL C 108 -18.16 -7.92 7.18
C VAL C 108 -19.55 -7.30 7.23
N VAL C 109 -20.57 -8.12 7.44
CA VAL C 109 -21.97 -7.64 7.54
C VAL C 109 -22.36 -7.58 9.02
N THR C 110 -22.65 -6.36 9.49
CA THR C 110 -22.75 -6.08 10.96
C THR C 110 -24.23 -5.96 11.34
N GLY C 111 -24.49 -5.90 12.64
CA GLY C 111 -25.81 -6.10 13.25
C GLY C 111 -25.73 -5.95 14.76
N ASP C 112 -26.88 -5.95 15.41
CA ASP C 112 -27.04 -5.99 16.88
C ASP C 112 -26.27 -7.21 17.40
N PRO C 113 -25.60 -7.07 18.57
CA PRO C 113 -25.02 -8.21 19.26
C PRO C 113 -26.08 -9.31 19.38
N VAL C 114 -25.60 -10.54 19.36
CA VAL C 114 -26.37 -11.80 19.62
C VAL C 114 -25.52 -12.55 20.64
N ALA C 115 -26.10 -12.83 21.80
CA ALA C 115 -25.39 -13.52 22.90
C ALA C 115 -25.21 -14.97 22.53
N PRO C 116 -24.02 -15.59 22.74
CA PRO C 116 -23.83 -17.01 22.46
C PRO C 116 -24.55 -17.86 23.50
N THR C 117 -25.04 -19.03 23.08
CA THR C 117 -25.22 -20.17 24.01
C THR C 117 -23.95 -20.99 23.92
N VAL C 118 -23.65 -21.63 25.02
CA VAL C 118 -22.34 -22.30 25.21
C VAL C 118 -22.64 -23.76 25.52
N LEU C 119 -21.93 -24.65 24.84
CA LEU C 119 -22.01 -26.10 25.06
C LEU C 119 -20.61 -26.57 25.44
N ILE C 120 -20.52 -27.58 26.29
CA ILE C 120 -19.22 -28.21 26.59
C ILE C 120 -19.39 -29.71 26.40
N PHE C 121 -18.39 -30.35 25.82
CA PHE C 121 -18.39 -31.80 25.52
C PHE C 121 -17.25 -32.46 26.27
N PRO C 122 -17.54 -33.31 27.27
CA PRO C 122 -16.50 -34.12 27.91
C PRO C 122 -15.87 -35.12 26.94
N PRO C 123 -14.61 -35.54 27.19
CA PRO C 123 -13.90 -36.41 26.25
C PRO C 123 -14.50 -37.83 26.18
N ALA C 124 -14.40 -38.46 25.01
CA ALA C 124 -14.90 -39.82 24.68
C ALA C 124 -14.05 -40.88 25.42
N ALA C 125 -14.69 -41.92 25.96
CA ALA C 125 -14.04 -43.05 26.68
C ALA C 125 -12.75 -43.48 25.97
N ASP C 126 -12.74 -43.55 24.63
CA ASP C 126 -11.61 -44.14 23.87
C ASP C 126 -10.44 -43.15 23.80
N GLN C 127 -10.68 -41.84 23.96
CA GLN C 127 -9.66 -40.72 23.93
C GLN C 127 -8.66 -40.87 25.10
N VAL C 128 -9.29 -41.06 26.25
CA VAL C 128 -8.82 -41.04 27.67
C VAL C 128 -7.76 -42.14 27.84
N ALA C 129 -7.66 -43.07 26.87
CA ALA C 129 -6.79 -44.25 26.86
C ALA C 129 -5.60 -44.04 25.90
N THR C 130 -5.71 -43.07 24.98
CA THR C 130 -4.75 -42.89 23.85
C THR C 130 -3.44 -42.26 24.34
N GLY C 131 -3.47 -41.70 25.54
CA GLY C 131 -2.39 -40.88 26.11
C GLY C 131 -2.78 -39.42 26.24
N THR C 132 -3.56 -38.87 25.31
CA THR C 132 -3.90 -37.43 25.29
C THR C 132 -5.42 -37.27 25.28
N VAL C 133 -5.97 -36.14 25.78
CA VAL C 133 -7.43 -35.90 25.94
C VAL C 133 -7.83 -34.49 25.47
N THR C 134 -8.95 -34.34 24.77
CA THR C 134 -9.43 -33.05 24.19
C THR C 134 -10.85 -32.71 24.69
N ILE C 135 -11.01 -31.58 25.40
CA ILE C 135 -12.32 -31.07 25.88
C ILE C 135 -12.77 -29.97 24.91
N VAL C 136 -14.02 -30.02 24.45
CA VAL C 136 -14.51 -29.09 23.39
C VAL C 136 -15.61 -28.21 23.97
N CYS C 137 -15.44 -26.91 23.82
CA CYS C 137 -16.45 -25.89 24.14
C CYS C 137 -16.87 -25.24 22.82
N VAL C 138 -18.18 -25.08 22.62
CA VAL C 138 -18.71 -24.36 21.43
C VAL C 138 -19.54 -23.16 21.90
N ALA C 139 -19.25 -21.99 21.32
CA ALA C 139 -20.07 -20.77 21.42
C ALA C 139 -20.91 -20.69 20.17
N ASN C 140 -22.23 -20.79 20.33
CA ASN C 140 -23.20 -20.99 19.22
C ASN C 140 -23.84 -19.67 18.85
N LYS C 141 -23.86 -19.34 17.56
CA LYS C 141 -24.77 -18.34 16.95
C LYS C 141 -24.62 -17.01 17.69
N TYR C 142 -23.46 -16.36 17.59
CA TYR C 142 -23.17 -15.09 18.33
C TYR C 142 -22.65 -14.02 17.36
N PHE C 143 -22.67 -12.80 17.86
CA PHE C 143 -22.18 -11.63 17.12
C PHE C 143 -22.06 -10.46 18.07
N PRO C 144 -21.01 -9.63 17.98
CA PRO C 144 -19.83 -9.84 17.12
C PRO C 144 -18.89 -10.87 17.77
N ASP C 145 -17.57 -10.59 17.82
CA ASP C 145 -16.54 -11.56 18.29
C ASP C 145 -16.60 -11.77 19.81
N VAL C 146 -16.14 -12.94 20.24
CA VAL C 146 -16.03 -13.35 21.67
C VAL C 146 -14.58 -13.69 22.00
N THR C 147 -14.31 -13.74 23.30
CA THR C 147 -13.09 -14.34 23.86
C THR C 147 -13.48 -15.52 24.75
N VAL C 148 -12.60 -16.50 24.85
CA VAL C 148 -12.86 -17.73 25.66
C VAL C 148 -11.74 -17.93 26.67
N THR C 149 -12.16 -18.28 27.88
CA THR C 149 -11.31 -18.65 29.02
C THR C 149 -11.70 -20.07 29.45
N TRP C 150 -10.72 -20.85 29.85
CA TRP C 150 -10.94 -22.15 30.51
C TRP C 150 -10.53 -22.00 31.97
N GLU C 151 -11.36 -22.49 32.90
CA GLU C 151 -10.97 -22.63 34.33
C GLU C 151 -11.12 -24.11 34.70
N VAL C 152 -10.12 -24.64 35.40
CA VAL C 152 -10.19 -25.99 36.03
C VAL C 152 -10.11 -25.78 37.55
N ASP C 153 -11.20 -26.08 38.25
CA ASP C 153 -11.27 -25.97 39.73
C ASP C 153 -10.96 -24.51 40.10
N GLY C 154 -11.46 -23.55 39.32
CA GLY C 154 -11.35 -22.11 39.56
C GLY C 154 -10.07 -21.47 39.00
N THR C 155 -9.07 -22.28 38.61
CA THR C 155 -7.77 -21.79 38.07
C THR C 155 -7.85 -21.70 36.53
N THR C 156 -7.63 -20.49 36.00
CA THR C 156 -7.56 -20.19 34.54
C THR C 156 -6.43 -21.03 33.90
N GLN C 157 -6.72 -21.76 32.81
CA GLN C 157 -5.72 -22.49 31.98
C GLN C 157 -5.04 -21.50 31.04
N THR C 158 -3.74 -21.67 30.81
CA THR C 158 -2.91 -20.82 29.92
C THR C 158 -2.48 -21.55 28.66
N THR C 159 -2.31 -22.87 28.73
CA THR C 159 -1.68 -23.71 27.67
C THR C 159 -2.68 -24.75 27.18
N GLY C 160 -2.47 -25.27 25.96
CA GLY C 160 -3.23 -26.38 25.36
C GLY C 160 -4.60 -25.95 24.88
N ILE C 161 -4.80 -24.66 24.64
CA ILE C 161 -6.10 -24.11 24.13
C ILE C 161 -5.93 -23.79 22.64
N GLU C 162 -6.90 -24.20 21.83
CA GLU C 162 -6.96 -23.85 20.39
C GLU C 162 -8.39 -23.43 20.04
N ASN C 163 -8.54 -22.32 19.30
CA ASN C 163 -9.86 -21.72 18.97
C ASN C 163 -9.99 -21.75 17.46
N SER C 164 -11.21 -21.94 16.98
CA SER C 164 -11.52 -21.94 15.55
C SER C 164 -12.93 -21.37 15.35
N LYS C 165 -13.10 -20.46 14.39
CA LYS C 165 -14.38 -19.74 14.16
C LYS C 165 -14.94 -20.01 12.77
N THR C 166 -16.24 -20.28 12.67
CA THR C 166 -16.93 -20.43 11.39
C THR C 166 -17.08 -19.04 10.77
N PRO C 167 -17.05 -18.97 9.44
CA PRO C 167 -17.37 -17.72 8.76
C PRO C 167 -18.81 -17.28 9.07
N GLN C 168 -19.12 -16.01 8.84
CA GLN C 168 -20.48 -15.47 9.05
C GLN C 168 -21.54 -16.33 8.37
N ASN C 169 -22.60 -16.63 9.10
CA ASN C 169 -23.75 -17.42 8.59
C ASN C 169 -24.42 -16.64 7.46
N SER C 170 -24.62 -17.30 6.33
CA SER C 170 -25.17 -16.66 5.12
C SER C 170 -26.60 -16.18 5.37
N ALA C 171 -27.35 -16.74 6.32
CA ALA C 171 -28.74 -16.31 6.61
C ALA C 171 -28.76 -15.22 7.70
N ASP C 172 -28.01 -15.35 8.79
CA ASP C 172 -28.22 -14.47 9.96
C ASP C 172 -26.94 -13.75 10.42
N CYS C 173 -25.81 -13.90 9.71
CA CYS C 173 -24.57 -13.09 9.93
C CYS C 173 -23.81 -13.61 11.16
N THR C 174 -24.33 -14.57 11.93
CA THR C 174 -23.69 -14.97 13.21
C THR C 174 -22.46 -15.85 12.97
N TYR C 175 -21.60 -15.90 13.98
CA TYR C 175 -20.45 -16.80 14.06
C TYR C 175 -20.76 -17.97 14.98
N ASN C 176 -19.95 -19.02 14.88
CA ASN C 176 -19.81 -20.10 15.89
C ASN C 176 -18.32 -20.24 16.19
N LEU C 177 -17.98 -20.63 17.40
CA LEU C 177 -16.56 -20.80 17.79
C LEU C 177 -16.40 -22.12 18.54
N SER C 178 -15.32 -22.84 18.22
CA SER C 178 -14.87 -24.01 18.98
C SER C 178 -13.63 -23.57 19.78
N SER C 179 -13.61 -23.94 21.03
CA SER C 179 -12.42 -23.79 21.89
C SER C 179 -12.11 -25.18 22.43
N THR C 180 -10.89 -25.64 22.23
CA THR C 180 -10.50 -27.01 22.65
C THR C 180 -9.37 -26.88 23.66
N LEU C 181 -9.53 -27.57 24.77
CA LEU C 181 -8.53 -27.70 25.85
C LEU C 181 -7.94 -29.11 25.78
N THR C 182 -6.64 -29.23 25.55
CA THR C 182 -5.96 -30.54 25.45
C THR C 182 -5.13 -30.78 26.71
N LEU C 183 -5.18 -32.01 27.23
CA LEU C 183 -4.43 -32.46 28.42
C LEU C 183 -3.92 -33.89 28.20
N THR C 184 -2.88 -34.30 28.91
CA THR C 184 -2.48 -35.73 28.96
C THR C 184 -3.59 -36.50 29.70
N SER C 185 -3.68 -37.82 29.46
CA SER C 185 -4.64 -38.72 30.16
C SER C 185 -4.45 -38.57 31.67
N THR C 186 -3.19 -38.55 32.14
CA THR C 186 -2.86 -38.42 33.58
C THR C 186 -3.43 -37.10 34.10
N GLN C 187 -3.14 -35.96 33.42
CA GLN C 187 -3.63 -34.64 33.87
C GLN C 187 -5.16 -34.64 33.91
N TYR C 188 -5.86 -35.16 32.89
CA TYR C 188 -7.33 -35.15 32.91
C TYR C 188 -7.84 -36.04 34.06
N ASN C 189 -7.34 -37.30 34.12
CA ASN C 189 -7.78 -38.30 35.13
C ASN C 189 -7.35 -37.85 36.54
N SER C 190 -6.72 -36.67 36.61
CA SER C 190 -6.29 -35.95 37.83
C SER C 190 -7.37 -35.05 38.44
N HIS C 191 -8.13 -34.22 37.68
CA HIS C 191 -8.86 -33.01 38.19
C HIS C 191 -10.39 -33.17 38.14
N LYS C 192 -11.18 -32.18 38.60
CA LYS C 192 -12.67 -32.33 38.73
C LYS C 192 -13.54 -31.35 37.93
N GLU C 193 -13.60 -30.03 38.23
CA GLU C 193 -14.57 -29.08 37.60
C GLU C 193 -13.98 -28.36 36.37
N TYR C 194 -14.62 -28.51 35.21
CA TYR C 194 -14.16 -27.93 33.91
C TYR C 194 -15.14 -26.84 33.44
N THR C 195 -14.66 -25.61 33.26
CA THR C 195 -15.49 -24.42 32.91
C THR C 195 -15.00 -23.73 31.64
N CYS C 196 -15.91 -23.52 30.70
CA CYS C 196 -15.70 -22.70 29.49
C CYS C 196 -16.41 -21.35 29.68
N LYS C 197 -15.67 -20.24 29.65
CA LYS C 197 -16.23 -18.89 29.90
C LYS C 197 -16.12 -18.11 28.59
N VAL C 198 -17.27 -17.74 28.02
CA VAL C 198 -17.34 -17.01 26.73
C VAL C 198 -17.77 -15.57 27.01
N THR C 199 -16.91 -14.64 26.63
CA THR C 199 -17.03 -13.20 26.96
C THR C 199 -17.36 -12.46 25.66
N LEU C 200 -18.52 -11.83 25.63
CA LEU C 200 -18.94 -10.89 24.54
C LEU C 200 -18.96 -9.49 25.16
N GLY C 201 -17.98 -8.66 24.82
CA GLY C 201 -17.80 -7.35 25.47
C GLY C 201 -17.35 -7.55 26.89
N THR C 202 -18.16 -7.12 27.84
CA THR C 202 -17.84 -7.21 29.29
C THR C 202 -18.63 -8.36 29.94
N THR C 203 -19.51 -9.03 29.19
CA THR C 203 -20.42 -10.04 29.76
C THR C 203 -19.98 -11.44 29.36
N SER C 204 -19.88 -12.29 30.38
CA SER C 204 -19.47 -13.70 30.29
C SER C 204 -20.65 -14.65 30.48
N VAL C 205 -20.78 -15.60 29.56
CA VAL C 205 -21.67 -16.79 29.66
C VAL C 205 -20.79 -18.01 29.91
N VAL C 206 -21.18 -18.81 30.90
CA VAL C 206 -20.36 -19.90 31.48
C VAL C 206 -21.09 -21.24 31.32
N GLN C 207 -20.31 -22.25 30.92
CA GLN C 207 -20.76 -23.66 30.89
C GLN C 207 -19.70 -24.54 31.54
N SER C 208 -20.11 -25.57 32.28
CA SER C 208 -19.15 -26.46 33.00
C SER C 208 -19.69 -27.89 33.11
N PHE C 209 -18.79 -28.84 33.37
CA PHE C 209 -19.13 -30.23 33.78
C PHE C 209 -18.12 -30.72 34.83
N ASN C 210 -18.42 -31.90 35.40
CA ASN C 210 -17.59 -32.60 36.41
C ASN C 210 -17.26 -34.00 35.88
N ARG C 211 -15.97 -34.35 35.84
CA ARG C 211 -15.40 -35.56 35.18
C ARG C 211 -16.12 -36.82 35.65
N GLY C 212 -16.61 -37.63 34.68
CA GLY C 212 -17.09 -39.01 34.86
C GLY C 212 -18.60 -39.14 34.65
N ASP C 213 -19.32 -38.01 34.61
CA ASP C 213 -20.80 -37.93 34.73
C ASP C 213 -21.43 -38.00 33.33
N GLN D 1 -22.01 -28.89 -17.34
CA GLN D 1 -20.72 -28.14 -17.60
C GLN D 1 -19.92 -27.91 -16.30
N SER D 2 -18.65 -28.34 -16.27
CA SER D 2 -17.82 -28.27 -15.06
C SER D 2 -16.33 -28.38 -15.41
N VAL D 3 -15.53 -27.93 -14.44
CA VAL D 3 -14.06 -27.95 -14.47
C VAL D 3 -13.62 -28.70 -13.21
N GLU D 4 -12.64 -29.59 -13.30
CA GLU D 4 -12.20 -30.35 -12.11
C GLU D 4 -10.68 -30.50 -12.14
N GLU D 5 -10.04 -30.05 -11.07
CA GLU D 5 -8.60 -30.26 -10.85
C GLU D 5 -8.35 -31.60 -10.16
N SER D 6 -7.19 -32.18 -10.42
CA SER D 6 -6.70 -33.36 -9.66
CA SER D 6 -6.70 -33.37 -9.67
C SER D 6 -5.18 -33.29 -9.55
N GLY D 7 -4.61 -34.01 -8.59
CA GLY D 7 -3.15 -34.18 -8.46
C GLY D 7 -2.65 -33.62 -7.16
N GLY D 8 -3.45 -32.84 -6.45
CA GLY D 8 -3.03 -32.31 -5.14
C GLY D 8 -2.59 -33.43 -4.22
N ARG D 9 -1.42 -33.31 -3.61
CA ARG D 9 -0.93 -34.29 -2.62
C ARG D 9 0.21 -33.69 -1.82
N LEU D 10 0.65 -34.44 -0.80
CA LEU D 10 1.79 -34.07 0.06
C LEU D 10 3.07 -34.52 -0.64
N VAL D 11 4.02 -33.59 -0.81
CA VAL D 11 5.35 -33.89 -1.41
C VAL D 11 6.42 -33.16 -0.61
N THR D 12 7.62 -33.73 -0.61
CA THR D 12 8.82 -33.11 -0.02
C THR D 12 9.31 -32.06 -0.99
N PRO D 13 9.90 -30.97 -0.48
CA PRO D 13 10.49 -29.96 -1.34
C PRO D 13 11.37 -30.59 -2.43
N GLY D 14 11.24 -30.07 -3.64
CA GLY D 14 12.07 -30.48 -4.78
C GLY D 14 11.45 -31.60 -5.59
N THR D 15 10.42 -32.28 -5.07
CA THR D 15 9.72 -33.39 -5.77
C THR D 15 8.76 -32.85 -6.82
N PRO D 16 8.99 -33.01 -8.14
CA PRO D 16 8.08 -32.46 -9.14
C PRO D 16 6.71 -33.11 -9.04
N LEU D 17 5.66 -32.34 -9.28
CA LEU D 17 4.32 -32.94 -9.41
C LEU D 17 3.53 -32.18 -10.46
N THR D 18 2.61 -32.91 -11.03
CA THR D 18 1.75 -32.43 -12.13
C THR D 18 0.31 -32.46 -11.62
N LEU D 19 -0.40 -31.37 -11.84
CA LEU D 19 -1.85 -31.25 -11.65
C LEU D 19 -2.53 -31.32 -12.99
N THR D 20 -3.75 -31.83 -13.02
CA THR D 20 -4.53 -31.87 -14.27
C THR D 20 -5.85 -31.11 -14.08
N CYS D 21 -6.31 -30.57 -15.18
CA CYS D 21 -7.61 -29.89 -15.28
C CYS D 21 -8.41 -30.63 -16.34
N THR D 22 -9.56 -31.17 -15.97
CA THR D 22 -10.50 -31.88 -16.87
C THR D 22 -11.78 -31.07 -16.99
N VAL D 23 -12.27 -30.91 -18.23
CA VAL D 23 -13.54 -30.16 -18.49
C VAL D 23 -14.60 -31.18 -18.86
N SER D 24 -15.86 -30.84 -18.54
CA SER D 24 -17.06 -31.65 -18.86
C SER D 24 -18.10 -30.75 -19.52
N GLY D 25 -18.68 -31.20 -20.63
CA GLY D 25 -19.83 -30.56 -21.28
C GLY D 25 -19.41 -29.47 -22.25
N PHE D 26 -18.11 -29.33 -22.48
CA PHE D 26 -17.54 -28.43 -23.52
C PHE D 26 -16.12 -28.93 -23.83
N SER D 27 -15.54 -28.33 -24.87
CA SER D 27 -14.20 -28.67 -25.41
C SER D 27 -13.10 -27.94 -24.65
N LEU D 28 -11.97 -28.62 -24.44
CA LEU D 28 -10.73 -28.08 -23.83
C LEU D 28 -10.26 -26.83 -24.57
N THR D 29 -10.54 -26.72 -25.86
CA THR D 29 -9.95 -25.66 -26.71
C THR D 29 -10.93 -24.51 -26.96
N SER D 30 -12.18 -24.59 -26.47
CA SER D 30 -13.25 -23.59 -26.73
C SER D 30 -12.94 -22.26 -26.07
N TYR D 31 -12.39 -22.32 -24.85
CA TYR D 31 -12.23 -21.16 -23.96
C TYR D 31 -10.84 -21.15 -23.36
N ASP D 32 -10.42 -19.97 -22.94
CA ASP D 32 -9.16 -19.75 -22.18
C ASP D 32 -9.17 -20.72 -20.99
N MET D 33 -8.06 -21.38 -20.74
CA MET D 33 -7.94 -22.35 -19.62
C MET D 33 -6.77 -21.85 -18.79
N SER D 34 -7.06 -21.50 -17.54
CA SER D 34 -6.13 -20.80 -16.63
C SER D 34 -5.85 -21.65 -15.40
N TRP D 35 -4.67 -21.39 -14.81
CA TRP D 35 -4.29 -21.89 -13.47
C TRP D 35 -4.07 -20.68 -12.54
N VAL D 36 -4.68 -20.75 -11.38
CA VAL D 36 -4.65 -19.69 -10.33
C VAL D 36 -4.35 -20.44 -9.05
N ARG D 37 -3.61 -19.86 -8.12
CA ARG D 37 -3.45 -20.55 -6.82
C ARG D 37 -3.75 -19.60 -5.68
N GLN D 38 -3.91 -20.20 -4.51
CA GLN D 38 -4.24 -19.44 -3.29
C GLN D 38 -3.61 -20.16 -2.11
N ALA D 39 -2.59 -19.54 -1.52
CA ALA D 39 -1.94 -20.07 -0.30
C ALA D 39 -2.95 -19.94 0.83
N PRO D 40 -2.87 -20.79 1.87
CA PRO D 40 -3.85 -20.75 2.94
C PRO D 40 -4.00 -19.36 3.58
N GLY D 41 -5.23 -18.85 3.59
CA GLY D 41 -5.58 -17.55 4.19
C GLY D 41 -5.08 -16.36 3.37
N LYS D 42 -4.59 -16.57 2.16
CA LYS D 42 -4.03 -15.48 1.33
C LYS D 42 -4.92 -15.23 0.11
N GLY D 43 -4.47 -14.34 -0.78
CA GLY D 43 -5.21 -13.90 -1.98
C GLY D 43 -5.00 -14.82 -3.17
N LEU D 44 -5.73 -14.56 -4.22
CA LEU D 44 -5.61 -15.29 -5.49
C LEU D 44 -4.36 -14.81 -6.24
N GLU D 45 -3.70 -15.73 -6.92
CA GLU D 45 -2.51 -15.44 -7.74
C GLU D 45 -2.61 -16.16 -9.07
N TYR D 46 -2.57 -15.40 -10.16
CA TYR D 46 -2.56 -15.92 -11.53
C TYR D 46 -1.22 -16.61 -11.81
N ILE D 47 -1.25 -17.79 -12.42
CA ILE D 47 -0.03 -18.55 -12.79
C ILE D 47 0.17 -18.48 -14.31
N GLY D 48 -0.82 -18.91 -15.06
CA GLY D 48 -0.69 -18.90 -16.53
C GLY D 48 -1.95 -19.42 -17.18
N PHE D 49 -2.00 -19.39 -18.51
CA PHE D 49 -3.22 -19.87 -19.22
C PHE D 49 -2.89 -20.24 -20.66
N ILE D 50 -3.78 -21.03 -21.25
CA ILE D 50 -3.77 -21.34 -22.72
C ILE D 50 -4.93 -20.56 -23.34
N SER D 51 -4.61 -19.72 -24.34
CA SER D 51 -5.56 -18.84 -25.05
C SER D 51 -6.38 -19.62 -26.08
N SER D 52 -7.70 -19.43 -26.07
CA SER D 52 -8.60 -19.95 -27.12
C SER D 52 -8.49 -19.10 -28.38
N THR D 53 -7.90 -17.90 -28.35
CA THR D 53 -7.86 -17.01 -29.54
C THR D 53 -6.51 -17.17 -30.25
N THR D 54 -5.39 -17.16 -29.52
CA THR D 54 -4.02 -17.24 -30.10
C THR D 54 -3.53 -18.70 -30.10
N GLY D 55 -4.13 -19.59 -29.31
CA GLY D 55 -3.67 -20.96 -29.06
C GLY D 55 -2.42 -21.02 -28.20
N GLY D 56 -1.92 -19.86 -27.76
CA GLY D 56 -0.62 -19.69 -27.09
C GLY D 56 -0.77 -19.95 -25.61
N THR D 57 0.36 -20.22 -24.99
CA THR D 57 0.52 -20.46 -23.54
C THR D 57 1.28 -19.24 -22.98
N TYR D 58 0.79 -18.71 -21.87
CA TYR D 58 1.32 -17.48 -21.22
C TYR D 58 1.52 -17.79 -19.74
N TYR D 59 2.50 -17.13 -19.14
CA TYR D 59 2.84 -17.25 -17.71
C TYR D 59 2.95 -15.86 -17.10
N ALA D 60 2.52 -15.75 -15.85
CA ALA D 60 2.88 -14.61 -14.97
C ALA D 60 4.42 -14.53 -14.92
N SER D 61 4.98 -13.32 -14.88
CA SER D 61 6.45 -13.11 -14.82
C SER D 61 7.05 -13.93 -13.65
N TRP D 62 6.47 -13.85 -12.45
CA TRP D 62 6.99 -14.55 -11.26
C TRP D 62 7.03 -16.08 -11.47
N ALA D 63 6.15 -16.65 -12.31
CA ALA D 63 5.90 -18.10 -12.42
C ALA D 63 6.78 -18.76 -13.50
N LYS D 64 7.37 -17.97 -14.41
CA LYS D 64 8.13 -18.53 -15.58
C LYS D 64 9.25 -19.46 -15.06
N GLY D 65 9.35 -20.67 -15.58
CA GLY D 65 10.33 -21.65 -15.10
C GLY D 65 9.85 -22.45 -13.89
N ARG D 66 9.06 -21.86 -12.98
CA ARG D 66 8.58 -22.59 -11.76
C ARG D 66 7.43 -23.54 -12.11
N PHE D 67 6.74 -23.24 -13.20
CA PHE D 67 5.56 -23.99 -13.66
C PHE D 67 5.67 -24.19 -15.17
N THR D 68 5.20 -25.33 -15.62
CA THR D 68 5.08 -25.62 -17.07
C THR D 68 3.62 -26.00 -17.34
N ILE D 69 3.00 -25.33 -18.29
CA ILE D 69 1.62 -25.64 -18.72
C ILE D 69 1.70 -26.38 -20.06
N SER D 70 0.99 -27.49 -20.15
CA SER D 70 0.93 -28.34 -21.38
C SER D 70 -0.46 -28.96 -21.45
N LYS D 71 -0.78 -29.63 -22.54
CA LYS D 71 -2.11 -30.25 -22.64
C LYS D 71 -1.96 -31.66 -23.22
N THR D 72 -2.86 -32.55 -22.81
CA THR D 72 -3.08 -33.89 -23.42
C THR D 72 -4.34 -33.79 -24.27
N SER D 73 -4.84 -34.91 -24.80
CA SER D 73 -6.09 -34.91 -25.61
C SER D 73 -7.27 -34.51 -24.71
N THR D 74 -7.18 -34.76 -23.39
CA THR D 74 -8.32 -34.58 -22.45
C THR D 74 -8.00 -33.71 -21.22
N THR D 75 -6.78 -33.24 -20.99
CA THR D 75 -6.49 -32.38 -19.81
C THR D 75 -5.56 -31.22 -20.17
N VAL D 76 -5.70 -30.14 -19.42
CA VAL D 76 -4.70 -29.04 -19.34
C VAL D 76 -3.92 -29.26 -18.06
N ASP D 77 -2.60 -29.34 -18.17
CA ASP D 77 -1.72 -29.77 -17.05
C ASP D 77 -0.88 -28.57 -16.58
N LEU D 78 -0.57 -28.61 -15.29
CA LEU D 78 0.35 -27.68 -14.61
C LEU D 78 1.39 -28.54 -13.88
N LYS D 79 2.63 -28.46 -14.34
CA LYS D 79 3.77 -29.08 -13.65
C LYS D 79 4.44 -28.02 -12.79
N ILE D 80 4.62 -28.36 -11.51
CA ILE D 80 5.44 -27.58 -10.56
C ILE D 80 6.82 -28.20 -10.60
N THR D 81 7.79 -27.50 -11.19
CA THR D 81 9.05 -28.13 -11.62
C THR D 81 9.91 -28.47 -10.40
N SER D 82 9.93 -27.63 -9.37
CA SER D 82 10.74 -27.91 -8.14
C SER D 82 10.06 -27.27 -6.94
N PRO D 83 9.03 -27.94 -6.39
CA PRO D 83 8.25 -27.31 -5.32
C PRO D 83 9.05 -26.90 -4.09
N THR D 84 8.67 -25.76 -3.50
CA THR D 84 9.15 -25.26 -2.20
C THR D 84 7.99 -25.22 -1.21
N THR D 85 8.32 -25.00 0.06
CA THR D 85 7.37 -24.77 1.16
C THR D 85 6.33 -23.74 0.66
N GLU D 86 6.80 -22.71 -0.02
CA GLU D 86 6.01 -21.52 -0.44
C GLU D 86 5.04 -21.90 -1.56
N ASP D 87 5.15 -23.08 -2.14
CA ASP D 87 4.20 -23.52 -3.19
C ASP D 87 2.99 -24.24 -2.56
N THR D 88 2.94 -24.41 -1.24
CA THR D 88 1.78 -24.97 -0.52
C THR D 88 0.59 -24.04 -0.81
N ALA D 89 -0.47 -24.59 -1.41
CA ALA D 89 -1.63 -23.78 -1.82
C ALA D 89 -2.72 -24.68 -2.39
N THR D 90 -3.91 -24.10 -2.53
CA THR D 90 -4.97 -24.66 -3.39
C THR D 90 -4.75 -24.13 -4.81
N TYR D 91 -4.73 -25.03 -5.77
CA TYR D 91 -4.55 -24.74 -7.20
C TYR D 91 -5.93 -24.90 -7.85
N PHE D 92 -6.35 -23.87 -8.56
CA PHE D 92 -7.65 -23.85 -9.27
C PHE D 92 -7.36 -23.81 -10.77
N CYS D 93 -8.21 -24.48 -11.52
CA CYS D 93 -8.28 -24.23 -12.96
CA CYS D 93 -8.35 -24.36 -12.98
C CYS D 93 -9.62 -23.55 -13.26
N ALA D 94 -9.59 -22.67 -14.25
CA ALA D 94 -10.78 -21.87 -14.58
C ALA D 94 -10.91 -21.82 -16.11
N ALA D 95 -12.16 -21.84 -16.59
CA ALA D 95 -12.46 -21.74 -18.03
C ALA D 95 -13.03 -20.35 -18.30
N GLY D 96 -12.60 -19.74 -19.41
CA GLY D 96 -13.20 -18.50 -19.89
C GLY D 96 -12.26 -17.35 -19.71
N SER D 97 -12.40 -16.35 -20.56
CA SER D 97 -11.51 -15.15 -20.62
C SER D 97 -11.63 -14.38 -19.31
N TRP D 98 -12.74 -14.54 -18.58
CA TRP D 98 -13.00 -13.75 -17.36
C TRP D 98 -12.97 -14.65 -16.12
N TYR D 99 -12.36 -15.81 -16.20
CA TYR D 99 -12.42 -16.85 -15.14
C TYR D 99 -13.88 -17.15 -14.83
N ASN D 100 -14.65 -17.52 -15.85
CA ASN D 100 -16.13 -17.65 -15.75
C ASN D 100 -16.53 -18.86 -14.91
N MET D 101 -15.81 -19.97 -15.08
CA MET D 101 -16.11 -21.28 -14.46
C MET D 101 -14.84 -21.76 -13.76
N TRP D 102 -14.96 -22.05 -12.48
CA TRP D 102 -13.84 -22.50 -11.61
C TRP D 102 -14.11 -23.93 -11.18
N GLY D 103 -13.05 -24.70 -11.02
CA GLY D 103 -13.08 -25.96 -10.30
C GLY D 103 -13.08 -25.72 -8.79
N PRO D 104 -13.25 -26.80 -7.99
CA PRO D 104 -13.25 -26.72 -6.53
C PRO D 104 -11.86 -26.49 -5.94
N GLY D 105 -10.84 -26.76 -6.74
CA GLY D 105 -9.44 -26.61 -6.34
C GLY D 105 -8.85 -27.92 -5.86
N THR D 106 -7.53 -28.09 -5.98
CA THR D 106 -6.80 -29.28 -5.49
C THR D 106 -5.65 -28.77 -4.60
N LEU D 107 -5.47 -29.38 -3.44
CA LEU D 107 -4.50 -28.84 -2.47
C LEU D 107 -3.15 -29.53 -2.66
N VAL D 108 -2.11 -28.69 -2.77
CA VAL D 108 -0.70 -29.12 -2.78
C VAL D 108 -0.10 -28.77 -1.42
N THR D 109 0.48 -29.77 -0.75
CA THR D 109 1.17 -29.57 0.54
C THR D 109 2.63 -29.92 0.30
N VAL D 110 3.53 -28.96 0.48
CA VAL D 110 4.99 -29.17 0.31
C VAL D 110 5.58 -29.10 1.71
N SER D 111 5.93 -30.26 2.23
CA SER D 111 6.50 -30.39 3.61
C SER D 111 7.13 -31.77 3.81
N SER D 112 7.82 -31.94 4.95
CA SER D 112 8.55 -33.19 5.31
C SER D 112 7.66 -34.25 5.95
N GLY D 113 6.39 -33.98 6.28
CA GLY D 113 5.55 -34.91 7.08
C GLY D 113 5.23 -36.24 6.39
N GLN D 114 4.80 -37.26 7.12
CA GLN D 114 4.23 -38.51 6.52
C GLN D 114 2.73 -38.45 6.74
N PRO D 115 1.92 -38.98 5.80
CA PRO D 115 0.47 -38.96 5.97
C PRO D 115 0.05 -39.62 7.29
N LYS D 116 -1.01 -39.09 7.91
CA LYS D 116 -1.62 -39.72 9.10
C LYS D 116 -3.14 -39.59 8.97
N ALA D 117 -3.84 -40.72 9.06
CA ALA D 117 -5.31 -40.73 9.12
C ALA D 117 -5.75 -40.24 10.49
N PRO D 118 -6.89 -39.54 10.56
CA PRO D 118 -7.43 -39.05 11.81
C PRO D 118 -7.99 -40.16 12.68
N SER D 119 -8.03 -39.88 13.99
CA SER D 119 -8.87 -40.56 15.00
C SER D 119 -10.13 -39.72 15.17
N VAL D 120 -11.28 -40.38 15.30
CA VAL D 120 -12.57 -39.65 15.37
C VAL D 120 -13.26 -40.05 16.68
N PHE D 121 -13.56 -39.04 17.49
CA PHE D 121 -14.19 -39.24 18.80
C PHE D 121 -15.57 -38.61 18.83
N PRO D 122 -16.57 -39.33 19.38
CA PRO D 122 -17.90 -38.77 19.54
C PRO D 122 -17.90 -37.67 20.62
N LEU D 123 -18.65 -36.61 20.37
CA LEU D 123 -18.89 -35.47 21.28
C LEU D 123 -20.36 -35.53 21.73
N ALA D 124 -20.62 -35.68 23.02
CA ALA D 124 -21.98 -35.66 23.59
C ALA D 124 -21.98 -34.87 24.89
N PRO D 125 -23.07 -34.14 25.20
CA PRO D 125 -23.19 -33.44 26.48
C PRO D 125 -23.16 -34.47 27.62
N CYS D 126 -22.51 -34.10 28.73
CA CYS D 126 -22.44 -34.81 30.03
C CYS D 126 -23.81 -35.39 30.43
N MET D 135 -31.06 -31.39 21.02
CA MET D 135 -29.70 -31.84 21.48
C MET D 135 -28.64 -31.53 20.42
N THR D 136 -27.42 -31.21 20.86
CA THR D 136 -26.27 -31.05 19.94
C THR D 136 -25.25 -32.16 20.19
N LEU D 137 -24.89 -32.86 19.11
CA LEU D 137 -23.90 -33.95 19.11
C LEU D 137 -22.78 -33.57 18.14
N GLY D 138 -21.64 -34.23 18.26
CA GLY D 138 -20.56 -33.91 17.30
C GLY D 138 -19.54 -34.99 17.18
N CYS D 139 -18.52 -34.67 16.40
CA CYS D 139 -17.34 -35.55 16.20
C CYS D 139 -16.10 -34.68 16.24
N LEU D 140 -15.13 -35.09 17.05
CA LEU D 140 -13.77 -34.53 17.11
C LEU D 140 -12.90 -35.37 16.15
N VAL D 141 -12.28 -34.69 15.22
CA VAL D 141 -11.43 -35.33 14.17
C VAL D 141 -10.00 -34.90 14.48
N LYS D 142 -9.20 -35.80 15.06
CA LYS D 142 -7.92 -35.41 15.69
C LYS D 142 -6.74 -36.11 14.98
N GLY D 143 -5.66 -35.36 14.74
CA GLY D 143 -4.33 -35.89 14.40
C GLY D 143 -4.21 -36.39 12.97
N TYR D 144 -4.53 -35.59 11.95
CA TYR D 144 -4.38 -36.01 10.53
C TYR D 144 -3.39 -35.10 9.79
N LEU D 145 -2.90 -35.59 8.65
CA LEU D 145 -1.99 -34.86 7.72
C LEU D 145 -1.92 -35.65 6.42
N PRO D 146 -1.96 -35.00 5.24
CA PRO D 146 -2.17 -33.57 5.10
C PRO D 146 -3.65 -33.19 5.27
N GLU D 147 -3.97 -31.91 5.17
CA GLU D 147 -5.35 -31.45 4.88
C GLU D 147 -5.73 -31.91 3.49
N PRO D 148 -7.04 -32.01 3.14
CA PRO D 148 -8.14 -31.85 4.09
C PRO D 148 -8.73 -33.13 4.70
N VAL D 149 -9.69 -32.99 5.62
CA VAL D 149 -10.73 -34.02 5.87
C VAL D 149 -12.06 -33.41 5.45
N THR D 150 -12.99 -34.24 4.99
CA THR D 150 -14.41 -33.85 4.79
C THR D 150 -15.23 -34.57 5.86
N VAL D 151 -16.19 -33.87 6.41
CA VAL D 151 -17.15 -34.40 7.40
C VAL D 151 -18.56 -34.27 6.81
N THR D 152 -19.30 -35.37 6.84
CA THR D 152 -20.76 -35.35 6.56
C THR D 152 -21.47 -36.01 7.73
N TRP D 153 -22.79 -35.87 7.78
CA TRP D 153 -23.66 -36.47 8.82
C TRP D 153 -24.72 -37.31 8.12
N ASN D 154 -24.96 -38.51 8.65
CA ASN D 154 -25.87 -39.51 8.02
C ASN D 154 -25.62 -39.54 6.52
N SER D 155 -24.37 -39.67 6.12
CA SER D 155 -23.91 -39.93 4.73
C SER D 155 -24.30 -38.78 3.80
N GLY D 156 -24.34 -37.55 4.31
CA GLY D 156 -24.65 -36.35 3.50
C GLY D 156 -26.12 -35.98 3.52
N THR D 157 -26.99 -36.78 4.16
CA THR D 157 -28.46 -36.55 4.20
C THR D 157 -28.82 -35.53 5.28
N LEU D 158 -27.96 -35.34 6.28
CA LEU D 158 -28.21 -34.38 7.37
C LEU D 158 -27.24 -33.20 7.21
N THR D 159 -27.77 -32.03 6.81
CA THR D 159 -27.00 -30.78 6.52
C THR D 159 -27.52 -29.64 7.38
N ASN D 160 -28.83 -29.61 7.62
CA ASN D 160 -29.49 -28.66 8.54
C ASN D 160 -28.83 -28.76 9.91
N GLY D 161 -28.38 -27.62 10.43
CA GLY D 161 -27.87 -27.50 11.81
C GLY D 161 -26.45 -28.00 11.95
N VAL D 162 -25.71 -28.12 10.83
CA VAL D 162 -24.31 -28.67 10.83
C VAL D 162 -23.32 -27.51 10.80
N ARG D 163 -22.39 -27.52 11.76
CA ARG D 163 -21.26 -26.56 11.85
C ARG D 163 -19.96 -27.37 11.90
N THR D 164 -19.16 -27.30 10.85
CA THR D 164 -17.83 -27.95 10.77
C THR D 164 -16.80 -26.83 10.82
N PHE D 165 -16.03 -26.80 11.91
CA PHE D 165 -15.08 -25.69 12.15
C PHE D 165 -13.89 -25.81 11.22
N PRO D 166 -13.23 -24.68 10.89
CA PRO D 166 -11.92 -24.73 10.23
C PRO D 166 -10.90 -25.52 11.04
N SER D 167 -10.04 -26.22 10.33
CA SER D 167 -8.95 -27.01 10.95
C SER D 167 -7.99 -26.09 11.68
N VAL D 168 -7.34 -26.57 12.73
CA VAL D 168 -6.12 -25.91 13.29
C VAL D 168 -4.95 -26.91 13.24
N ARG D 169 -3.74 -26.40 12.97
CA ARG D 169 -2.46 -27.17 12.98
C ARG D 169 -1.90 -27.13 14.39
N GLN D 170 -1.60 -28.30 14.96
CA GLN D 170 -0.93 -28.41 16.29
C GLN D 170 0.59 -28.42 16.08
N SER D 171 1.35 -28.33 17.18
CA SER D 171 2.83 -28.34 17.24
C SER D 171 3.41 -29.50 16.42
N SER D 172 2.77 -30.67 16.50
CA SER D 172 3.16 -31.94 15.84
C SER D 172 3.21 -31.78 14.32
N GLY D 173 2.51 -30.77 13.80
CA GLY D 173 2.24 -30.64 12.36
C GLY D 173 0.92 -31.29 12.01
N LEU D 174 0.28 -31.94 12.98
CA LEU D 174 -1.03 -32.64 12.77
C LEU D 174 -2.18 -31.65 12.88
N TYR D 175 -3.25 -31.90 12.12
CA TYR D 175 -4.46 -31.03 12.08
C TYR D 175 -5.57 -31.67 12.92
N SER D 176 -6.47 -30.81 13.40
CA SER D 176 -7.65 -31.22 14.19
C SER D 176 -8.82 -30.31 13.83
N LEU D 177 -10.05 -30.85 13.87
CA LEU D 177 -11.28 -30.05 13.80
C LEU D 177 -12.41 -30.81 14.45
N SER D 178 -13.46 -30.09 14.82
CA SER D 178 -14.71 -30.68 15.31
C SER D 178 -15.83 -30.28 14.35
N SER D 179 -16.85 -31.11 14.34
CA SER D 179 -18.11 -30.87 13.60
C SER D 179 -19.24 -31.16 14.57
N VAL D 180 -20.25 -30.30 14.62
CA VAL D 180 -21.42 -30.51 15.51
C VAL D 180 -22.68 -30.33 14.70
N VAL D 181 -23.74 -30.97 15.19
CA VAL D 181 -25.07 -30.97 14.52
C VAL D 181 -26.17 -30.90 15.60
N SER D 182 -27.20 -30.11 15.36
CA SER D 182 -28.37 -29.99 16.28
C SER D 182 -29.49 -30.82 15.69
N VAL D 183 -30.15 -31.63 16.52
CA VAL D 183 -31.39 -32.39 16.15
C VAL D 183 -32.35 -32.46 17.34
N PRO D 189 -30.75 -41.02 15.79
CA PRO D 189 -29.40 -41.60 15.87
C PRO D 189 -28.48 -41.07 14.75
N VAL D 190 -27.42 -40.32 15.07
CA VAL D 190 -26.63 -39.57 14.04
C VAL D 190 -25.24 -40.19 13.91
N THR D 191 -24.78 -40.24 12.68
CA THR D 191 -23.47 -40.79 12.33
C THR D 191 -22.65 -39.70 11.65
N CYS D 192 -21.42 -39.47 12.11
CA CYS D 192 -20.48 -38.62 11.34
C CYS D 192 -19.66 -39.52 10.43
N ASN D 193 -19.50 -39.07 9.19
CA ASN D 193 -18.72 -39.75 8.13
C ASN D 193 -17.51 -38.87 7.86
N VAL D 194 -16.33 -39.33 8.24
CA VAL D 194 -15.08 -38.56 8.06
C VAL D 194 -14.29 -39.24 6.94
N ALA D 195 -13.86 -38.45 5.96
CA ALA D 195 -12.99 -38.89 4.83
C ALA D 195 -11.66 -38.14 4.90
N HIS D 196 -10.56 -38.86 4.74
CA HIS D 196 -9.21 -38.30 4.62
C HIS D 196 -8.72 -38.71 3.24
N PRO D 197 -9.06 -37.95 2.18
CA PRO D 197 -8.81 -38.42 0.82
C PRO D 197 -7.33 -38.78 0.58
N ALA D 198 -6.38 -38.08 1.21
CA ALA D 198 -4.93 -38.31 1.02
C ALA D 198 -4.62 -39.79 1.27
N THR D 199 -5.27 -40.40 2.28
CA THR D 199 -5.01 -41.83 2.64
C THR D 199 -6.17 -42.74 2.23
N ASN D 200 -7.17 -42.20 1.55
CA ASN D 200 -8.36 -42.96 1.10
C ASN D 200 -9.03 -43.57 2.33
N THR D 201 -8.94 -42.90 3.49
CA THR D 201 -9.48 -43.47 4.74
C THR D 201 -10.88 -42.91 4.97
N LYS D 202 -11.82 -43.77 5.38
CA LYS D 202 -13.21 -43.41 5.75
C LYS D 202 -13.47 -43.94 7.16
N VAL D 203 -13.93 -43.07 8.04
CA VAL D 203 -14.26 -43.38 9.46
C VAL D 203 -15.70 -42.94 9.71
N ASP D 204 -16.51 -43.82 10.27
CA ASP D 204 -17.91 -43.54 10.66
C ASP D 204 -17.97 -43.71 12.17
N LYS D 205 -18.57 -42.75 12.86
CA LYS D 205 -18.89 -42.89 14.30
C LYS D 205 -20.37 -42.56 14.49
N THR D 206 -21.08 -43.47 15.12
CA THR D 206 -22.48 -43.24 15.52
C THR D 206 -22.43 -42.60 16.91
N VAL D 207 -22.97 -41.39 17.02
CA VAL D 207 -22.88 -40.54 18.24
C VAL D 207 -24.24 -40.64 18.94
N ALA D 208 -24.22 -41.18 20.15
CA ALA D 208 -25.41 -41.39 20.99
C ALA D 208 -25.37 -40.35 22.10
N PRO D 209 -26.51 -39.75 22.50
CA PRO D 209 -26.53 -38.88 23.67
C PRO D 209 -26.09 -39.69 24.89
N SER D 210 -25.32 -39.10 25.81
CA SER D 210 -24.93 -39.78 27.07
C SER D 210 -26.06 -39.58 28.09
N ILE E 3 5.41 -1.17 -28.16
CA ILE E 3 4.85 -2.42 -28.78
C ILE E 3 4.87 -3.55 -27.73
N PHE E 4 3.88 -4.45 -27.79
CA PHE E 4 3.74 -5.65 -26.91
C PHE E 4 3.29 -6.85 -27.75
N GLU E 5 3.51 -8.07 -27.25
CA GLU E 5 2.98 -9.33 -27.86
C GLU E 5 1.45 -9.23 -27.83
N LYS E 6 0.74 -9.80 -28.81
CA LYS E 6 -0.72 -9.62 -28.96
C LYS E 6 -1.47 -10.11 -27.69
N PHE E 7 -2.47 -9.35 -27.27
CA PHE E 7 -3.32 -9.70 -26.10
C PHE E 7 -4.11 -11.01 -26.34
N GLY E 8 -3.99 -11.99 -25.42
CA GLY E 8 -4.40 -13.40 -25.64
C GLY E 8 -5.77 -13.79 -25.06
N GLY E 10 -9.94 -12.85 -25.40
CA GLY E 10 -10.86 -12.27 -26.36
C GLY E 10 -12.19 -11.87 -25.75
N GLY E 11 -12.65 -12.59 -24.71
CA GLY E 11 -13.98 -12.41 -24.07
C GLY E 11 -14.80 -13.69 -24.09
N ILE F 3 28.29 41.95 -34.19
CA ILE F 3 27.71 40.70 -34.69
C ILE F 3 27.59 39.70 -33.53
N PHE F 4 26.59 38.82 -33.63
CA PHE F 4 26.32 37.72 -32.69
C PHE F 4 25.87 36.51 -33.51
N GLU F 5 26.08 35.32 -32.93
CA GLU F 5 25.41 34.08 -33.39
C GLU F 5 23.92 34.36 -33.40
N LYS F 6 23.23 33.86 -34.42
CA LYS F 6 21.76 34.01 -34.56
C LYS F 6 21.07 33.64 -33.22
N PHE F 7 20.22 34.53 -32.70
CA PHE F 7 19.42 34.24 -31.49
C PHE F 7 18.65 32.93 -31.70
N GLY F 8 18.81 31.97 -30.77
CA GLY F 8 18.40 30.57 -30.96
C GLY F 8 16.99 30.21 -30.43
N GLY F 10 12.83 30.92 -30.75
CA GLY F 10 11.93 31.48 -31.76
C GLY F 10 10.59 31.87 -31.18
N GLY F 11 10.19 31.30 -30.04
CA GLY F 11 8.83 31.46 -29.47
C GLY F 11 8.03 30.15 -29.41
#